data_7Q8T
#
_entry.id   7Q8T
#
_cell.length_a   61.101
_cell.length_b   108.253
_cell.length_c   83.693
_cell.angle_alpha   90.000
_cell.angle_beta   97.160
_cell.angle_gamma   90.000
#
_symmetry.space_group_name_H-M   'P 1 21 1'
#
loop_
_entity.id
_entity.type
_entity.pdbx_description
1 polymer 'Nicotinamide phosphoribosyltransferase'
2 non-polymer '[(2~{R},3~{S},4~{R},5~{S})-3,4-bis(oxidanyl)-5-[4-[[[4-(phenylsulfonyl)phenyl]carbamoylamino]methyl]phenyl]oxolan-2-yl]methyl dihydrogen phosphate'
3 non-polymer 'SULFATE ION'
4 water water
#
_entity_poly.entity_id   1
_entity_poly.type   'polypeptide(L)'
_entity_poly.pdbx_seq_one_letter_code
;GIDPFTMNAAAEAEFNILLATDSYKVTHYKQYPPNTSKVYSYFECREKKTENSKVRKVKYEETVFYGLQYILNKYLKGKV
VTKEKIQEAKEVYREHFQDDVFNERGWNYILEKYDGHLPIEVKAVPEGSVIPRGNVLFTVENTDPECYWLTNWIETILVQ
SWYPITVATNSREQKKILAKYLLETSGNLDGLEYKLHDFGYRGVSSQETAGIGASAHLVNFKGTDTVAGIALIKKYYGTK
DPVPGYSVPAAEHSTITAWGKDHEKDAFEHIVTQFSSVPVSVVSDSYDIYNACEKIWGEDLRHLIVSRSTEAPLIIRPDS
GNPLDTVLKVLDILGKKFPVTENSKGYKLLPPYLRVIQGDGVDINTLQEIVEGMKQKKWSIENVSFGSGGALLQKLTRDL
LNCSFKCSYVVTNGLGVNVFKDPVADPNKRSKKGRLSLHRTPAGNFVTLEEGKGDLEEYGHDLLHTVFKNGKVTKSYSFD
EVRKNAQLNIEQDVAPH
;
_entity_poly.pdbx_strand_id   A,B
#
loop_
_chem_comp.id
_chem_comp.type
_chem_comp.name
_chem_comp.formula
9IY non-polymer '[(2~{R},3~{S},4~{R},5~{S})-3,4-bis(oxidanyl)-5-[4-[[[4-(phenylsulfonyl)phenyl]carbamoylamino]methyl]phenyl]oxolan-2-yl]methyl dihydrogen phosphate' 'C25 H27 N2 O10 P S'
SO4 non-polymer 'SULFATE ION' 'O4 S -2'
#
# COMPACT_ATOMS: atom_id res chain seq x y z
N GLU A 14 -17.06 -13.51 7.68
CA GLU A 14 -16.39 -12.18 7.52
C GLU A 14 -15.72 -12.11 6.14
N PHE A 15 -14.59 -12.81 5.95
CA PHE A 15 -13.83 -12.89 4.68
C PHE A 15 -14.40 -14.01 3.81
N ASN A 16 -14.62 -13.73 2.52
CA ASN A 16 -15.17 -14.69 1.52
C ASN A 16 -14.16 -14.84 0.38
N ILE A 17 -13.41 -15.95 0.37
CA ILE A 17 -12.31 -16.22 -0.60
C ILE A 17 -12.88 -16.31 -2.02
N LEU A 18 -14.18 -16.60 -2.15
CA LEU A 18 -14.89 -16.64 -3.46
C LEU A 18 -14.93 -15.23 -4.07
N LEU A 19 -14.97 -14.18 -3.24
CA LEU A 19 -14.97 -12.76 -3.68
C LEU A 19 -13.54 -12.25 -3.85
N ALA A 20 -12.55 -12.93 -3.25
CA ALA A 20 -11.16 -12.46 -3.09
C ALA A 20 -10.30 -12.86 -4.31
N THR A 21 -10.82 -12.63 -5.52
CA THR A 21 -10.14 -12.90 -6.80
C THR A 21 -10.42 -11.72 -7.74
N ASP A 22 -9.56 -11.52 -8.75
CA ASP A 22 -9.86 -10.63 -9.91
C ASP A 22 -11.18 -11.15 -10.51
N SER A 23 -12.21 -10.31 -10.54
CA SER A 23 -13.62 -10.71 -10.78
C SER A 23 -13.76 -11.46 -12.11
N TYR A 24 -12.93 -11.15 -13.11
CA TYR A 24 -12.96 -11.80 -14.46
C TYR A 24 -12.61 -13.30 -14.36
N LYS A 25 -11.86 -13.72 -13.33
CA LYS A 25 -11.44 -15.14 -13.16
C LYS A 25 -12.67 -16.04 -12.95
N VAL A 26 -13.80 -15.47 -12.54
CA VAL A 26 -15.11 -16.16 -12.37
C VAL A 26 -15.45 -16.93 -13.66
N THR A 27 -15.03 -16.42 -14.83
CA THR A 27 -15.41 -16.96 -16.17
C THR A 27 -14.38 -17.95 -16.71
N HIS A 28 -13.27 -18.19 -15.99
CA HIS A 28 -12.07 -18.90 -16.53
C HIS A 28 -12.29 -20.41 -16.64
N TYR A 29 -13.15 -20.99 -15.79
CA TYR A 29 -13.53 -22.43 -15.85
C TYR A 29 -14.07 -22.75 -17.25
N LYS A 30 -14.76 -21.79 -17.86
CA LYS A 30 -15.38 -21.88 -19.21
C LYS A 30 -14.35 -21.68 -20.33
N GLN A 31 -13.12 -21.24 -20.03
CA GLN A 31 -12.16 -20.72 -21.04
C GLN A 31 -11.00 -21.69 -21.29
N TYR A 32 -10.64 -22.50 -20.29
CA TYR A 32 -9.58 -23.53 -20.38
C TYR A 32 -10.00 -24.56 -21.44
N PRO A 33 -9.04 -25.27 -22.08
CA PRO A 33 -9.39 -26.30 -23.05
C PRO A 33 -10.25 -27.36 -22.39
N PRO A 34 -11.31 -27.87 -23.06
CA PRO A 34 -12.07 -29.00 -22.56
C PRO A 34 -11.18 -30.18 -22.13
N ASN A 35 -11.59 -30.92 -21.09
CA ASN A 35 -10.91 -32.15 -20.58
C ASN A 35 -9.56 -31.77 -19.96
N THR A 36 -9.48 -30.61 -19.32
CA THR A 36 -8.29 -30.17 -18.52
C THR A 36 -8.49 -30.66 -17.08
N SER A 37 -7.58 -31.52 -16.61
CA SER A 37 -7.63 -32.20 -15.28
C SER A 37 -6.64 -31.54 -14.31
N LYS A 38 -5.63 -30.83 -14.82
CA LYS A 38 -4.57 -30.20 -14.00
C LYS A 38 -4.23 -28.81 -14.57
N VAL A 39 -4.12 -27.82 -13.67
CA VAL A 39 -3.50 -26.49 -13.93
C VAL A 39 -2.40 -26.30 -12.88
N TYR A 40 -1.15 -26.25 -13.34
CA TYR A 40 0.08 -26.07 -12.52
C TYR A 40 0.66 -24.70 -12.85
N SER A 41 0.88 -23.88 -11.81
CA SER A 41 1.33 -22.47 -11.92
C SER A 41 2.43 -22.21 -10.87
N TYR A 42 3.28 -21.22 -11.14
CA TYR A 42 4.46 -20.88 -10.29
C TYR A 42 4.57 -19.37 -10.13
N PHE A 43 5.16 -18.95 -9.01
CA PHE A 43 5.48 -17.54 -8.66
C PHE A 43 7.01 -17.38 -8.68
N GLU A 44 7.50 -16.33 -9.34
CA GLU A 44 8.95 -15.95 -9.36
C GLU A 44 9.07 -14.43 -9.27
N CYS A 45 10.22 -13.95 -8.82
CA CYS A 45 10.68 -12.54 -8.94
C CYS A 45 11.53 -12.43 -10.22
N ARG A 46 10.84 -12.22 -11.35
CA ARG A 46 11.39 -12.26 -12.73
C ARG A 46 12.62 -11.34 -12.85
N GLU A 47 13.63 -11.73 -13.63
CA GLU A 47 14.86 -10.94 -13.86
C GLU A 47 14.54 -9.67 -14.67
N LYS A 59 19.18 -2.14 -8.26
CA LYS A 59 19.22 -3.57 -8.67
C LYS A 59 19.05 -4.45 -7.43
N TYR A 60 18.06 -5.34 -7.44
CA TYR A 60 17.75 -6.32 -6.38
C TYR A 60 18.03 -7.73 -6.91
N GLU A 61 19.28 -8.19 -6.78
CA GLU A 61 19.79 -9.44 -7.40
C GLU A 61 19.23 -10.66 -6.64
N GLU A 62 18.88 -10.50 -5.37
CA GLU A 62 18.34 -11.61 -4.53
C GLU A 62 17.18 -11.07 -3.68
N THR A 63 16.17 -11.92 -3.44
CA THR A 63 14.92 -11.56 -2.74
C THR A 63 14.77 -12.45 -1.50
N VAL A 64 14.17 -11.91 -0.44
CA VAL A 64 13.77 -12.64 0.80
C VAL A 64 12.35 -13.17 0.58
N PHE A 65 12.17 -14.49 0.65
CA PHE A 65 10.83 -15.12 0.53
C PHE A 65 10.15 -15.13 1.91
N TYR A 66 9.22 -14.20 2.14
CA TYR A 66 8.48 -14.05 3.42
C TYR A 66 7.05 -13.59 3.16
N GLY A 67 6.08 -14.20 3.86
CA GLY A 67 4.69 -13.70 3.95
C GLY A 67 3.66 -14.70 3.46
N LEU A 68 4.05 -15.73 2.69
CA LEU A 68 3.11 -16.75 2.15
C LEU A 68 2.38 -17.43 3.31
N GLN A 69 3.11 -17.80 4.36
CA GLN A 69 2.59 -18.52 5.56
C GLN A 69 1.45 -17.71 6.20
N TYR A 70 1.58 -16.37 6.25
CA TYR A 70 0.54 -15.45 6.78
C TYR A 70 -0.76 -15.62 5.97
N ILE A 71 -0.65 -15.57 4.63
CA ILE A 71 -1.80 -15.67 3.69
C ILE A 71 -2.44 -17.06 3.82
N LEU A 72 -1.63 -18.12 3.81
CA LEU A 72 -2.10 -19.53 3.88
C LEU A 72 -2.95 -19.73 5.14
N ASN A 73 -2.48 -19.23 6.28
CA ASN A 73 -3.12 -19.41 7.62
C ASN A 73 -4.34 -18.49 7.74
N LYS A 74 -4.22 -17.23 7.31
CA LYS A 74 -5.28 -16.20 7.52
C LYS A 74 -6.48 -16.49 6.60
N TYR A 75 -6.25 -16.87 5.36
CA TYR A 75 -7.28 -16.82 4.27
C TYR A 75 -7.59 -18.20 3.67
N LEU A 76 -6.60 -19.09 3.49
CA LEU A 76 -6.75 -20.29 2.60
C LEU A 76 -7.03 -21.58 3.38
N LYS A 77 -6.57 -21.70 4.63
CA LYS A 77 -6.61 -22.99 5.38
C LYS A 77 -7.99 -23.23 6.00
N GLY A 78 -8.36 -24.49 6.17
CA GLY A 78 -9.59 -24.92 6.88
C GLY A 78 -10.81 -24.86 5.97
N LYS A 79 -12.00 -24.78 6.57
CA LYS A 79 -13.31 -24.70 5.86
C LYS A 79 -13.52 -23.25 5.40
N VAL A 80 -13.14 -22.94 4.15
CA VAL A 80 -13.19 -21.57 3.57
C VAL A 80 -14.41 -21.42 2.66
N VAL A 81 -15.16 -22.51 2.44
CA VAL A 81 -16.39 -22.54 1.58
C VAL A 81 -17.59 -22.94 2.47
N THR A 82 -18.68 -22.18 2.38
CA THR A 82 -19.98 -22.43 3.07
C THR A 82 -21.12 -22.19 2.09
N LYS A 83 -22.32 -22.69 2.38
CA LYS A 83 -23.56 -22.46 1.60
C LYS A 83 -23.80 -20.95 1.50
N GLU A 84 -23.57 -20.22 2.59
CA GLU A 84 -23.78 -18.74 2.69
C GLU A 84 -22.81 -18.01 1.75
N LYS A 85 -21.53 -18.38 1.76
CA LYS A 85 -20.46 -17.72 0.97
C LYS A 85 -20.67 -17.98 -0.53
N ILE A 86 -21.15 -19.17 -0.89
CA ILE A 86 -21.51 -19.52 -2.30
C ILE A 86 -22.69 -18.66 -2.74
N GLN A 87 -23.69 -18.46 -1.87
CA GLN A 87 -24.90 -17.64 -2.15
C GLN A 87 -24.50 -16.16 -2.26
N GLU A 88 -23.63 -15.68 -1.36
CA GLU A 88 -23.10 -14.29 -1.39
C GLU A 88 -22.42 -14.04 -2.73
N ALA A 89 -21.51 -14.94 -3.14
CA ALA A 89 -20.75 -14.86 -4.42
C ALA A 89 -21.73 -14.76 -5.61
N LYS A 90 -22.75 -15.62 -5.64
CA LYS A 90 -23.77 -15.67 -6.72
C LYS A 90 -24.41 -14.29 -6.88
N GLU A 91 -24.83 -13.68 -5.76
CA GLU A 91 -25.50 -12.35 -5.72
C GLU A 91 -24.51 -11.26 -6.12
N VAL A 92 -23.32 -11.23 -5.49
CA VAL A 92 -22.29 -10.17 -5.68
C VAL A 92 -21.89 -10.12 -7.16
N TYR A 93 -21.60 -11.28 -7.77
CA TYR A 93 -21.10 -11.40 -9.17
C TYR A 93 -22.23 -11.17 -10.18
N ARG A 94 -23.48 -11.57 -9.87
CA ARG A 94 -24.66 -11.33 -10.74
C ARG A 94 -24.79 -9.83 -11.00
N GLU A 95 -24.70 -9.01 -9.95
CA GLU A 95 -24.80 -7.52 -10.05
C GLU A 95 -23.57 -7.00 -10.82
N HIS A 96 -22.38 -7.44 -10.42
CA HIS A 96 -21.07 -6.93 -10.92
C HIS A 96 -20.98 -7.13 -12.44
N PHE A 97 -21.50 -8.23 -12.96
CA PHE A 97 -21.45 -8.60 -14.40
C PHE A 97 -22.79 -8.37 -15.09
N GLN A 98 -23.86 -8.10 -14.34
CA GLN A 98 -25.26 -7.99 -14.86
C GLN A 98 -25.58 -9.24 -15.67
N ASP A 99 -25.12 -10.41 -15.18
CA ASP A 99 -25.21 -11.72 -15.88
C ASP A 99 -24.85 -12.83 -14.89
N ASP A 100 -25.59 -13.94 -14.90
CA ASP A 100 -25.40 -15.09 -13.97
C ASP A 100 -24.24 -15.93 -14.47
N VAL A 101 -23.01 -15.45 -14.24
CA VAL A 101 -21.75 -15.99 -14.80
C VAL A 101 -21.02 -16.82 -13.74
N PHE A 102 -21.22 -16.53 -12.45
CA PHE A 102 -20.62 -17.28 -11.33
C PHE A 102 -21.14 -18.72 -11.35
N ASN A 103 -20.23 -19.70 -11.26
CA ASN A 103 -20.57 -21.15 -11.32
C ASN A 103 -20.52 -21.75 -9.91
N GLU A 104 -21.70 -22.05 -9.34
CA GLU A 104 -21.88 -22.63 -7.98
C GLU A 104 -21.36 -24.08 -7.95
N ARG A 105 -21.47 -24.80 -9.07
CA ARG A 105 -21.21 -26.26 -9.19
C ARG A 105 -19.84 -26.60 -8.61
N GLY A 106 -18.78 -25.93 -9.07
CA GLY A 106 -17.39 -26.20 -8.67
C GLY A 106 -17.17 -25.97 -7.19
N TRP A 107 -17.81 -24.93 -6.64
CA TRP A 107 -17.73 -24.55 -5.21
C TRP A 107 -18.60 -25.48 -4.36
N ASN A 108 -19.77 -25.88 -4.88
CA ASN A 108 -20.69 -26.86 -4.23
C ASN A 108 -19.98 -28.22 -4.15
N TYR A 109 -19.18 -28.57 -5.17
CA TYR A 109 -18.35 -29.80 -5.19
C TYR A 109 -17.38 -29.78 -4.00
N ILE A 110 -16.56 -28.72 -3.90
CA ILE A 110 -15.52 -28.54 -2.84
C ILE A 110 -16.20 -28.59 -1.46
N LEU A 111 -17.36 -27.94 -1.31
CA LEU A 111 -18.14 -27.92 -0.04
C LEU A 111 -18.56 -29.36 0.33
N GLU A 112 -19.20 -30.07 -0.62
CA GLU A 112 -19.80 -31.41 -0.40
C GLU A 112 -18.70 -32.48 -0.22
N LYS A 113 -17.64 -32.41 -1.02
CA LYS A 113 -16.60 -33.47 -1.14
C LYS A 113 -15.54 -33.32 -0.04
N TYR A 114 -15.08 -32.09 0.23
CA TYR A 114 -13.90 -31.80 1.10
C TYR A 114 -14.29 -30.94 2.31
N ASP A 115 -15.58 -30.80 2.61
CA ASP A 115 -16.09 -29.96 3.73
C ASP A 115 -15.49 -28.54 3.62
N GLY A 116 -15.48 -27.99 2.40
CA GLY A 116 -15.07 -26.59 2.11
C GLY A 116 -13.57 -26.36 2.24
N HIS A 117 -12.76 -27.43 2.26
CA HIS A 117 -11.28 -27.38 2.25
C HIS A 117 -10.80 -27.35 0.79
N LEU A 118 -9.90 -26.43 0.45
CA LEU A 118 -9.44 -26.21 -0.96
C LEU A 118 -8.55 -27.36 -1.38
N PRO A 119 -8.93 -28.15 -2.42
CA PRO A 119 -8.10 -29.22 -2.93
C PRO A 119 -6.99 -28.69 -3.87
N ILE A 120 -5.98 -28.07 -3.27
CA ILE A 120 -4.75 -27.55 -3.96
C ILE A 120 -3.53 -27.98 -3.16
N GLU A 121 -2.39 -28.12 -3.84
CA GLU A 121 -1.06 -28.32 -3.21
C GLU A 121 -0.21 -27.08 -3.52
N VAL A 122 0.38 -26.47 -2.48
CA VAL A 122 1.33 -25.33 -2.60
C VAL A 122 2.69 -25.81 -2.10
N LYS A 123 3.71 -25.75 -2.96
CA LYS A 123 5.14 -25.97 -2.61
C LYS A 123 5.84 -24.62 -2.64
N ALA A 124 6.79 -24.41 -1.73
CA ALA A 124 7.51 -23.11 -1.56
C ALA A 124 8.87 -23.34 -0.91
N VAL A 125 9.84 -22.46 -1.22
CA VAL A 125 11.14 -22.38 -0.50
C VAL A 125 10.84 -21.98 0.93
N PRO A 126 11.66 -22.41 1.93
CA PRO A 126 11.46 -21.99 3.32
C PRO A 126 11.30 -20.48 3.49
N GLU A 127 10.41 -20.07 4.40
CA GLU A 127 10.16 -18.65 4.79
C GLU A 127 11.48 -18.05 5.27
N GLY A 128 11.83 -16.87 4.75
CA GLY A 128 13.06 -16.14 5.11
C GLY A 128 14.24 -16.49 4.20
N SER A 129 14.08 -17.47 3.32
CA SER A 129 15.17 -17.92 2.40
C SER A 129 15.53 -16.78 1.45
N VAL A 130 16.83 -16.58 1.22
CA VAL A 130 17.36 -15.56 0.28
C VAL A 130 17.68 -16.26 -1.05
N ILE A 131 16.87 -16.00 -2.09
CA ILE A 131 16.92 -16.68 -3.42
C ILE A 131 17.23 -15.65 -4.49
N PRO A 132 18.21 -15.90 -5.39
CA PRO A 132 18.45 -15.01 -6.54
C PRO A 132 17.22 -14.84 -7.44
N ARG A 133 17.17 -13.76 -8.21
CA ARG A 133 16.07 -13.43 -9.16
C ARG A 133 15.98 -14.51 -10.23
N GLY A 134 14.77 -14.72 -10.77
CA GLY A 134 14.51 -15.62 -11.92
C GLY A 134 14.39 -17.07 -11.50
N ASN A 135 14.03 -17.34 -10.24
CA ASN A 135 13.93 -18.72 -9.68
C ASN A 135 12.51 -18.98 -9.17
N VAL A 136 11.99 -20.18 -9.39
CA VAL A 136 10.69 -20.65 -8.80
C VAL A 136 10.80 -20.51 -7.28
N LEU A 137 9.83 -19.82 -6.67
CA LEU A 137 9.78 -19.57 -5.20
C LEU A 137 8.61 -20.35 -4.59
N PHE A 138 7.47 -20.40 -5.28
CA PHE A 138 6.36 -21.31 -4.93
C PHE A 138 5.61 -21.72 -6.21
N THR A 139 4.91 -22.86 -6.11
CA THR A 139 4.07 -23.47 -7.17
C THR A 139 2.72 -23.84 -6.58
N VAL A 140 1.67 -23.81 -7.40
CA VAL A 140 0.29 -24.20 -7.03
C VAL A 140 -0.25 -25.13 -8.11
N GLU A 141 -0.89 -26.23 -7.70
CA GLU A 141 -1.64 -27.15 -8.59
C GLU A 141 -2.84 -27.72 -7.83
N ASN A 142 -3.93 -27.99 -8.55
CA ASN A 142 -5.15 -28.68 -8.03
C ASN A 142 -4.80 -30.14 -7.73
N THR A 143 -5.40 -30.73 -6.69
CA THR A 143 -5.20 -32.14 -6.26
C THR A 143 -6.38 -33.01 -6.71
N ASP A 144 -7.48 -32.38 -7.15
CA ASP A 144 -8.70 -33.04 -7.68
C ASP A 144 -8.88 -32.55 -9.11
N PRO A 145 -9.04 -33.46 -10.10
CA PRO A 145 -9.14 -33.05 -11.51
C PRO A 145 -10.35 -32.13 -11.78
N GLU A 146 -11.40 -32.20 -10.94
CA GLU A 146 -12.62 -31.37 -11.06
C GLU A 146 -12.33 -29.91 -10.73
N CYS A 147 -11.26 -29.63 -9.97
CA CYS A 147 -10.91 -28.27 -9.46
C CYS A 147 -9.70 -27.71 -10.21
N TYR A 148 -9.54 -28.04 -11.49
CA TYR A 148 -8.50 -27.50 -12.42
C TYR A 148 -8.52 -25.98 -12.41
N TRP A 149 -9.71 -25.39 -12.30
CA TRP A 149 -9.98 -23.92 -12.34
C TRP A 149 -9.44 -23.22 -11.08
N LEU A 150 -9.31 -23.94 -9.96
CA LEU A 150 -9.03 -23.37 -8.62
C LEU A 150 -7.61 -22.78 -8.57
N THR A 151 -6.64 -23.41 -9.23
CA THR A 151 -5.21 -22.96 -9.25
C THR A 151 -5.15 -21.47 -9.61
N ASN A 152 -5.85 -21.07 -10.68
CA ASN A 152 -5.89 -19.70 -11.27
C ASN A 152 -6.75 -18.77 -10.42
N TRP A 153 -7.81 -19.31 -9.81
CA TRP A 153 -8.74 -18.55 -8.94
C TRP A 153 -7.95 -17.85 -7.83
N ILE A 154 -7.00 -18.55 -7.18
CA ILE A 154 -6.29 -18.06 -5.96
C ILE A 154 -4.99 -17.33 -6.33
N GLU A 155 -4.72 -17.11 -7.63
CA GLU A 155 -3.55 -16.30 -8.09
C GLU A 155 -3.53 -14.97 -7.31
N THR A 156 -4.62 -14.21 -7.41
CA THR A 156 -4.73 -12.80 -6.94
C THR A 156 -4.26 -12.71 -5.49
N ILE A 157 -4.82 -13.55 -4.60
CA ILE A 157 -4.57 -13.49 -3.13
C ILE A 157 -3.13 -13.93 -2.82
N LEU A 158 -2.61 -14.95 -3.52
CA LEU A 158 -1.23 -15.47 -3.31
C LEU A 158 -0.20 -14.46 -3.84
N VAL A 159 -0.52 -13.75 -4.92
CA VAL A 159 0.38 -12.77 -5.58
C VAL A 159 0.64 -11.59 -4.64
N GLN A 160 -0.31 -11.26 -3.75
CA GLN A 160 -0.19 -10.18 -2.74
C GLN A 160 1.00 -10.45 -1.79
N SER A 161 1.59 -11.66 -1.86
CA SER A 161 2.86 -12.02 -1.17
C SER A 161 4.02 -11.15 -1.69
N TRP A 162 3.86 -10.53 -2.87
CA TRP A 162 4.86 -9.57 -3.41
C TRP A 162 5.25 -8.55 -2.34
N TYR A 163 4.28 -8.09 -1.53
CA TYR A 163 4.46 -6.96 -0.59
C TYR A 163 5.40 -7.35 0.55
N PRO A 164 5.08 -8.36 1.39
CA PRO A 164 6.01 -8.80 2.44
C PRO A 164 7.37 -9.25 1.90
N ILE A 165 7.40 -9.84 0.70
CA ILE A 165 8.66 -10.22 -0.02
C ILE A 165 9.45 -8.94 -0.30
N THR A 166 8.83 -7.93 -0.92
CA THR A 166 9.48 -6.69 -1.42
C THR A 166 9.95 -5.83 -0.23
N VAL A 167 9.14 -5.73 0.83
CA VAL A 167 9.49 -4.98 2.09
C VAL A 167 10.67 -5.67 2.76
N ALA A 168 10.61 -7.00 2.93
CA ALA A 168 11.68 -7.81 3.56
C ALA A 168 12.98 -7.63 2.78
N THR A 169 12.90 -7.66 1.45
CA THR A 169 14.06 -7.56 0.51
C THR A 169 14.66 -6.15 0.59
N ASN A 170 13.84 -5.11 0.40
CA ASN A 170 14.30 -3.70 0.38
C ASN A 170 14.92 -3.34 1.74
N SER A 171 14.30 -3.78 2.84
CA SER A 171 14.79 -3.59 4.23
C SER A 171 16.16 -4.27 4.41
N ARG A 172 16.31 -5.48 3.89
CA ARG A 172 17.56 -6.27 4.01
C ARG A 172 18.69 -5.57 3.23
N GLU A 173 18.38 -4.98 2.08
CA GLU A 173 19.37 -4.23 1.26
C GLU A 173 19.86 -3.01 2.04
N GLN A 174 18.97 -2.32 2.76
CA GLN A 174 19.31 -1.16 3.63
C GLN A 174 20.19 -1.64 4.79
N LYS A 175 19.90 -2.83 5.32
CA LYS A 175 20.70 -3.48 6.38
C LYS A 175 22.13 -3.73 5.87
N LYS A 176 22.29 -4.19 4.62
CA LYS A 176 23.61 -4.46 3.99
C LYS A 176 24.47 -3.19 4.02
N ILE A 177 23.90 -2.06 3.59
CA ILE A 177 24.58 -0.73 3.55
C ILE A 177 25.01 -0.35 4.97
N LEU A 178 24.10 -0.45 5.94
CA LEU A 178 24.37 -0.15 7.37
C LEU A 178 25.44 -1.10 7.90
N ALA A 179 25.39 -2.38 7.52
CA ALA A 179 26.37 -3.42 7.94
C ALA A 179 27.77 -3.02 7.46
N LYS A 180 27.91 -2.72 6.17
CA LYS A 180 29.21 -2.36 5.54
C LYS A 180 29.84 -1.19 6.30
N TYR A 181 29.08 -0.11 6.52
CA TYR A 181 29.61 1.18 7.02
C TYR A 181 29.79 1.13 8.55
N LEU A 182 28.91 0.41 9.27
CA LEU A 182 29.04 0.20 10.74
C LEU A 182 30.32 -0.60 11.02
N LEU A 183 30.56 -1.69 10.27
CA LEU A 183 31.78 -2.54 10.40
C LEU A 183 33.02 -1.69 10.09
N GLU A 184 33.00 -0.96 8.97
CA GLU A 184 34.13 -0.10 8.51
C GLU A 184 34.50 0.90 9.61
N THR A 185 33.52 1.62 10.17
CA THR A 185 33.74 2.81 11.03
C THR A 185 33.84 2.44 12.52
N SER A 186 33.37 1.25 12.95
CA SER A 186 33.38 0.81 14.37
C SER A 186 34.20 -0.47 14.58
N GLY A 187 34.27 -1.36 13.58
CA GLY A 187 34.98 -2.65 13.66
C GLY A 187 34.09 -3.80 14.09
N ASN A 188 32.80 -3.55 14.32
CA ASN A 188 31.82 -4.58 14.75
C ASN A 188 30.43 -4.24 14.19
N LEU A 189 29.47 -5.16 14.36
CA LEU A 189 28.06 -5.00 13.91
C LEU A 189 27.14 -4.97 15.13
N ASP A 190 27.67 -4.56 16.28
CA ASP A 190 26.90 -4.43 17.55
C ASP A 190 25.74 -3.46 17.31
N GLY A 191 24.51 -3.90 17.58
CA GLY A 191 23.30 -3.07 17.53
C GLY A 191 22.82 -2.79 16.10
N LEU A 192 23.36 -3.50 15.11
CA LEU A 192 22.98 -3.33 13.66
C LEU A 192 21.45 -3.47 13.52
N GLU A 193 20.84 -4.40 14.25
CA GLU A 193 19.38 -4.72 14.15
C GLU A 193 18.51 -3.61 14.76
N TYR A 194 19.10 -2.54 15.31
CA TYR A 194 18.37 -1.37 15.88
C TYR A 194 18.65 -0.08 15.10
N LYS A 195 19.28 -0.17 13.92
CA LYS A 195 19.83 0.99 13.17
C LYS A 195 18.80 1.58 12.19
N LEU A 196 17.71 0.86 11.88
CA LEU A 196 16.66 1.32 10.93
C LEU A 196 15.27 1.03 11.50
N HIS A 197 14.58 2.09 11.97
CA HIS A 197 13.25 2.02 12.62
C HIS A 197 12.14 2.14 11.56
N ASP A 198 11.05 1.39 11.74
CA ASP A 198 9.80 1.50 10.93
C ASP A 198 8.94 2.61 11.52
N PHE A 199 8.83 3.74 10.81
CA PHE A 199 7.94 4.89 11.15
C PHE A 199 6.75 4.95 10.17
N GLY A 200 6.41 3.82 9.54
CA GLY A 200 5.54 3.79 8.35
C GLY A 200 4.05 3.71 8.64
N TYR A 201 3.64 3.59 9.91
CA TYR A 201 2.22 3.26 10.30
C TYR A 201 1.24 4.21 9.57
N ARG A 202 1.47 5.52 9.68
CA ARG A 202 0.56 6.56 9.12
C ARG A 202 0.69 6.63 7.59
N GLY A 203 1.86 6.23 7.06
CA GLY A 203 2.25 6.44 5.65
C GLY A 203 1.86 5.28 4.74
N VAL A 204 1.17 4.26 5.26
CA VAL A 204 0.73 3.08 4.47
C VAL A 204 -0.79 3.19 4.20
N SER A 205 -1.29 2.34 3.31
CA SER A 205 -2.63 2.45 2.68
C SER A 205 -3.73 1.90 3.60
N SER A 206 -3.38 1.09 4.61
CA SER A 206 -4.38 0.45 5.49
C SER A 206 -3.72 -0.08 6.78
N GLN A 207 -4.55 -0.42 7.76
CA GLN A 207 -4.15 -1.05 9.05
C GLN A 207 -3.54 -2.42 8.78
N GLU A 208 -4.15 -3.22 7.89
CA GLU A 208 -3.65 -4.58 7.54
C GLU A 208 -2.25 -4.46 6.90
N THR A 209 -2.06 -3.50 5.99
CA THR A 209 -0.79 -3.23 5.28
C THR A 209 0.30 -2.86 6.30
N ALA A 210 -0.05 -2.08 7.33
CA ALA A 210 0.85 -1.63 8.42
C ALA A 210 1.40 -2.85 9.19
N GLY A 211 0.52 -3.78 9.57
CA GLY A 211 0.87 -5.04 10.25
C GLY A 211 1.83 -5.88 9.42
N ILE A 212 1.46 -6.18 8.18
CA ILE A 212 2.26 -7.05 7.25
C ILE A 212 3.60 -6.37 6.99
N GLY A 213 3.61 -5.06 6.72
CA GLY A 213 4.83 -4.28 6.44
C GLY A 213 5.79 -4.30 7.61
N ALA A 214 5.29 -4.05 8.82
CA ALA A 214 6.07 -4.05 10.08
C ALA A 214 6.74 -5.41 10.30
N SER A 215 6.01 -6.52 10.09
CA SER A 215 6.49 -7.90 10.28
C SER A 215 7.60 -8.23 9.27
N ALA A 216 7.46 -7.76 8.04
CA ALA A 216 8.45 -7.94 6.94
C ALA A 216 9.74 -7.17 7.28
N HIS A 217 9.60 -5.98 7.85
CA HIS A 217 10.75 -5.16 8.32
C HIS A 217 11.47 -5.89 9.46
N LEU A 218 10.70 -6.55 10.34
CA LEU A 218 11.19 -7.18 11.59
C LEU A 218 11.93 -8.49 11.28
N VAL A 219 11.87 -9.01 10.05
CA VAL A 219 12.75 -10.09 9.53
C VAL A 219 14.21 -9.65 9.69
N ASN A 220 14.48 -8.35 9.54
CA ASN A 220 15.85 -7.77 9.43
C ASN A 220 16.20 -6.93 10.67
N PHE A 221 15.23 -6.19 11.23
CA PHE A 221 15.42 -5.23 12.35
C PHE A 221 14.38 -5.50 13.45
N LYS A 222 14.49 -4.83 14.60
CA LYS A 222 13.57 -4.97 15.75
C LYS A 222 12.78 -3.68 16.00
N GLY A 223 13.16 -2.57 15.35
CA GLY A 223 12.54 -1.26 15.55
C GLY A 223 11.28 -1.06 14.71
N THR A 224 10.12 -0.95 15.35
CA THR A 224 8.84 -0.54 14.71
C THR A 224 7.97 0.22 15.72
N ASP A 225 7.13 1.12 15.22
CA ASP A 225 6.10 1.85 16.01
C ASP A 225 4.72 1.28 15.68
N THR A 226 4.67 0.12 15.00
CA THR A 226 3.43 -0.63 14.68
C THR A 226 3.44 -1.95 15.46
N VAL A 227 2.75 -2.00 16.60
CA VAL A 227 2.72 -3.19 17.50
C VAL A 227 1.96 -4.34 16.82
N ALA A 228 1.08 -4.04 15.86
CA ALA A 228 0.34 -5.05 15.06
C ALA A 228 1.32 -5.98 14.33
N GLY A 229 2.49 -5.46 13.94
CA GLY A 229 3.59 -6.22 13.33
C GLY A 229 4.06 -7.38 14.21
N ILE A 230 4.23 -7.14 15.51
CA ILE A 230 4.65 -8.16 16.52
C ILE A 230 3.50 -9.16 16.73
N ALA A 231 2.26 -8.67 16.82
CA ALA A 231 1.03 -9.49 16.99
C ALA A 231 0.88 -10.46 15.80
N LEU A 232 1.15 -9.99 14.58
CA LEU A 232 1.13 -10.81 13.34
C LEU A 232 2.20 -11.91 13.45
N ILE A 233 3.41 -11.53 13.89
CA ILE A 233 4.57 -12.47 14.06
C ILE A 233 4.17 -13.58 15.04
N LYS A 234 3.69 -13.21 16.24
CA LYS A 234 3.40 -14.17 17.34
C LYS A 234 2.31 -15.15 16.90
N LYS A 235 1.32 -14.69 16.13
CA LYS A 235 0.09 -15.45 15.79
C LYS A 235 0.36 -16.40 14.60
N TYR A 236 1.08 -15.94 13.57
CA TYR A 236 1.20 -16.65 12.26
C TYR A 236 2.54 -17.38 12.14
N TYR A 237 3.55 -17.01 12.93
CA TYR A 237 4.91 -17.61 12.87
C TYR A 237 5.30 -18.15 14.26
N GLY A 238 5.27 -17.29 15.28
CA GLY A 238 5.71 -17.60 16.66
C GLY A 238 7.20 -17.35 16.81
N THR A 239 7.64 -17.02 18.03
CA THR A 239 9.04 -16.65 18.34
C THR A 239 9.37 -17.01 19.79
N LYS A 240 10.61 -17.48 20.03
CA LYS A 240 11.18 -17.74 21.38
C LYS A 240 11.91 -16.49 21.88
N ASP A 241 12.10 -15.49 21.00
CA ASP A 241 12.68 -14.17 21.34
C ASP A 241 11.72 -13.45 22.28
N PRO A 242 12.16 -13.05 23.50
CA PRO A 242 11.28 -12.34 24.44
C PRO A 242 10.95 -10.91 24.02
N VAL A 243 11.77 -10.32 23.12
CA VAL A 243 11.65 -8.91 22.67
C VAL A 243 11.84 -8.85 21.16
N PRO A 244 10.94 -9.47 20.36
CA PRO A 244 11.07 -9.49 18.90
C PRO A 244 10.96 -8.09 18.26
N GLY A 245 10.18 -7.21 18.89
CA GLY A 245 10.01 -5.80 18.46
C GLY A 245 10.23 -4.85 19.63
N TYR A 246 10.58 -3.61 19.34
CA TYR A 246 10.80 -2.56 20.37
C TYR A 246 10.55 -1.17 19.76
N SER A 247 10.34 -0.19 20.63
CA SER A 247 10.42 1.27 20.32
C SER A 247 10.93 2.01 21.56
N VAL A 248 11.24 3.31 21.41
CA VAL A 248 11.79 4.17 22.48
C VAL A 248 10.81 5.31 22.72
N PRO A 249 10.71 5.83 23.97
CA PRO A 249 10.01 7.09 24.22
C PRO A 249 10.56 8.18 23.30
N ALA A 250 9.68 8.96 22.68
CA ALA A 250 10.04 9.97 21.66
C ALA A 250 9.02 11.11 21.69
N ALA A 251 9.48 12.33 21.41
CA ALA A 251 8.64 13.52 21.16
C ALA A 251 8.20 13.54 19.70
N GLU A 252 7.08 14.21 19.43
CA GLU A 252 6.71 14.70 18.08
C GLU A 252 6.70 16.23 18.15
N HIS A 253 6.50 16.90 17.02
CA HIS A 253 6.47 18.38 16.94
C HIS A 253 5.40 18.92 17.90
N SER A 254 4.22 18.29 17.94
CA SER A 254 3.06 18.70 18.78
C SER A 254 3.46 18.85 20.26
N THR A 255 4.26 17.93 20.81
CA THR A 255 4.60 17.90 22.26
C THR A 255 5.70 18.95 22.55
N ILE A 256 6.36 19.47 21.52
CA ILE A 256 7.33 20.61 21.62
C ILE A 256 6.60 21.93 21.35
N THR A 257 5.88 22.03 20.23
CA THR A 257 5.25 23.29 19.72
C THR A 257 4.13 23.74 20.67
N ALA A 258 3.48 22.82 21.38
CA ALA A 258 2.35 23.08 22.30
C ALA A 258 2.76 24.05 23.41
N TRP A 259 4.06 24.06 23.75
CA TRP A 259 4.66 24.92 24.82
C TRP A 259 4.73 26.38 24.38
N GLY A 260 4.66 26.64 23.06
CA GLY A 260 4.78 27.99 22.48
C GLY A 260 6.17 28.20 21.90
N LYS A 261 6.27 29.08 20.89
CA LYS A 261 7.51 29.35 20.11
C LYS A 261 8.67 29.76 21.04
N ASP A 262 8.36 30.44 22.15
CA ASP A 262 9.37 31.04 23.07
C ASP A 262 9.76 30.05 24.19
N HIS A 263 9.17 28.86 24.24
CA HIS A 263 9.33 27.89 25.36
C HIS A 263 9.84 26.54 24.86
N GLU A 264 10.61 26.51 23.77
CA GLU A 264 11.23 25.27 23.24
C GLU A 264 12.15 24.67 24.31
N LYS A 265 12.99 25.48 24.96
CA LYS A 265 13.92 25.02 26.03
C LYS A 265 13.12 24.32 27.15
N ASP A 266 12.01 24.92 27.57
CA ASP A 266 11.14 24.39 28.66
C ASP A 266 10.60 23.00 28.27
N ALA A 267 10.17 22.84 27.03
CA ALA A 267 9.65 21.56 26.48
C ALA A 267 10.73 20.48 26.59
N PHE A 268 11.93 20.77 26.07
CA PHE A 268 13.13 19.90 26.12
C PHE A 268 13.40 19.45 27.56
N GLU A 269 13.52 20.42 28.47
CA GLU A 269 13.90 20.21 29.90
C GLU A 269 12.86 19.30 30.57
N HIS A 270 11.57 19.58 30.34
CA HIS A 270 10.43 18.81 30.88
C HIS A 270 10.53 17.35 30.45
N ILE A 271 10.76 17.11 29.15
CA ILE A 271 10.71 15.76 28.52
C ILE A 271 11.92 14.93 28.95
N VAL A 272 13.13 15.48 28.95
CA VAL A 272 14.37 14.74 29.34
C VAL A 272 14.33 14.41 30.83
N THR A 273 13.71 15.28 31.65
CA THR A 273 13.54 15.06 33.12
C THR A 273 12.46 14.00 33.36
N GLN A 274 11.37 14.03 32.58
CA GLN A 274 10.25 13.05 32.66
C GLN A 274 10.72 11.67 32.21
N PHE A 275 11.75 11.60 31.36
CA PHE A 275 12.35 10.33 30.84
C PHE A 275 13.86 10.34 31.10
N SER A 276 14.22 10.59 32.37
CA SER A 276 15.63 10.71 32.84
C SER A 276 16.34 9.35 32.82
N SER A 277 15.60 8.26 33.04
CA SER A 277 16.14 6.89 33.31
C SER A 277 15.92 5.94 32.12
N VAL A 278 15.38 6.43 31.01
CA VAL A 278 15.16 5.62 29.77
C VAL A 278 15.69 6.39 28.57
N PRO A 279 15.91 5.75 27.41
CA PRO A 279 16.25 6.47 26.18
C PRO A 279 15.06 7.39 25.81
N VAL A 280 15.35 8.63 25.43
CA VAL A 280 14.32 9.59 24.94
C VAL A 280 14.82 10.23 23.64
N SER A 281 14.01 10.16 22.59
CA SER A 281 14.19 10.87 21.30
C SER A 281 13.45 12.21 21.40
N VAL A 282 14.12 13.33 21.08
CA VAL A 282 13.51 14.68 21.16
C VAL A 282 13.78 15.42 19.85
N VAL A 283 12.71 15.56 19.05
CA VAL A 283 12.71 16.36 17.78
C VAL A 283 13.14 17.79 18.11
N SER A 284 14.12 18.32 17.37
CA SER A 284 14.85 19.56 17.72
C SER A 284 14.86 20.56 16.56
N ASP A 285 14.07 20.34 15.50
CA ASP A 285 14.08 21.18 14.27
C ASP A 285 12.77 22.00 14.16
N SER A 286 11.97 22.05 15.23
CA SER A 286 10.67 22.79 15.28
C SER A 286 10.85 24.20 14.70
N TYR A 287 11.90 24.91 15.10
CA TYR A 287 12.18 26.33 14.73
C TYR A 287 13.57 26.46 14.10
N ASP A 288 14.61 25.97 14.78
CA ASP A 288 16.02 26.07 14.31
C ASP A 288 16.83 24.92 14.92
N ILE A 289 16.99 23.83 14.17
CA ILE A 289 17.77 22.61 14.55
C ILE A 289 19.13 23.00 15.12
N TYR A 290 19.80 23.97 14.49
CA TYR A 290 21.22 24.33 14.78
C TYR A 290 21.27 25.15 16.09
N ASN A 291 20.31 26.06 16.29
CA ASN A 291 20.11 26.78 17.57
C ASN A 291 19.89 25.76 18.69
N ALA A 292 18.99 24.79 18.47
CA ALA A 292 18.57 23.78 19.47
C ALA A 292 19.78 22.97 19.94
N CYS A 293 20.60 22.48 19.00
CA CYS A 293 21.78 21.63 19.28
C CYS A 293 22.87 22.46 19.98
N GLU A 294 23.15 23.67 19.48
CA GLU A 294 24.29 24.50 19.94
C GLU A 294 23.93 25.21 21.24
N LYS A 295 22.80 25.91 21.30
CA LYS A 295 22.45 26.83 22.41
C LYS A 295 21.59 26.13 23.47
N ILE A 296 20.63 25.30 23.09
CA ILE A 296 19.69 24.68 24.07
C ILE A 296 20.34 23.42 24.64
N TRP A 297 20.58 22.39 23.82
CA TRP A 297 21.23 21.12 24.24
C TRP A 297 22.68 21.41 24.67
N GLY A 298 23.43 22.16 23.87
CA GLY A 298 24.90 22.30 23.97
C GLY A 298 25.34 23.27 25.06
N GLU A 299 24.43 24.12 25.55
CA GLU A 299 24.72 25.16 26.58
C GLU A 299 23.68 25.10 27.70
N ASP A 300 22.44 25.51 27.44
CA ASP A 300 21.38 25.75 28.47
C ASP A 300 21.08 24.48 29.26
N LEU A 301 20.90 23.32 28.59
CA LEU A 301 20.48 22.05 29.23
C LEU A 301 21.62 21.01 29.20
N ARG A 302 22.84 21.42 28.87
CA ARG A 302 24.02 20.51 28.77
C ARG A 302 24.10 19.64 30.04
N HIS A 303 23.98 20.26 31.21
CA HIS A 303 24.10 19.61 32.55
C HIS A 303 23.09 18.47 32.72
N LEU A 304 21.94 18.53 32.03
CA LEU A 304 20.87 17.51 32.10
C LEU A 304 21.14 16.37 31.10
N ILE A 305 22.12 16.53 30.20
CA ILE A 305 22.48 15.52 29.16
C ILE A 305 23.69 14.71 29.64
N VAL A 306 24.74 15.39 30.12
CA VAL A 306 26.06 14.77 30.44
C VAL A 306 25.94 13.88 31.68
N SER A 307 24.86 14.03 32.45
CA SER A 307 24.56 13.27 33.69
C SER A 307 23.79 11.98 33.35
N ARG A 308 23.35 11.83 32.10
CA ARG A 308 22.46 10.70 31.66
C ARG A 308 23.28 9.42 31.51
N SER A 309 22.63 8.29 31.78
CA SER A 309 23.19 6.91 31.70
C SER A 309 23.39 6.49 30.23
N THR A 310 24.32 5.56 30.00
CA THR A 310 24.59 4.93 28.68
C THR A 310 23.36 4.14 28.21
N GLU A 311 22.55 3.65 29.15
CA GLU A 311 21.29 2.89 28.86
C GLU A 311 20.14 3.85 28.59
N ALA A 312 20.28 5.13 28.96
CA ALA A 312 19.22 6.17 28.86
C ALA A 312 19.78 7.42 28.18
N PRO A 313 20.29 7.32 26.94
CA PRO A 313 20.87 8.48 26.25
C PRO A 313 19.78 9.42 25.72
N LEU A 314 20.14 10.69 25.52
CA LEU A 314 19.35 11.64 24.69
C LEU A 314 19.60 11.29 23.23
N ILE A 315 18.54 11.14 22.43
CA ILE A 315 18.66 11.03 20.95
C ILE A 315 18.04 12.28 20.34
N ILE A 316 18.88 13.11 19.70
CA ILE A 316 18.45 14.34 18.98
C ILE A 316 17.90 13.92 17.61
N ARG A 317 16.69 14.36 17.26
CA ARG A 317 16.02 14.04 15.97
C ARG A 317 15.90 15.31 15.14
N PRO A 318 16.79 15.54 14.14
CA PRO A 318 16.49 16.48 13.06
C PRO A 318 15.39 15.85 12.19
N ASP A 319 14.65 16.67 11.43
CA ASP A 319 13.53 16.18 10.58
C ASP A 319 13.31 17.13 9.39
N SER A 320 14.35 17.79 8.89
CA SER A 320 14.22 18.79 7.79
C SER A 320 15.59 19.19 7.25
N GLY A 321 15.59 19.79 6.05
CA GLY A 321 16.81 20.17 5.30
C GLY A 321 17.34 19.00 4.52
N ASN A 322 18.44 19.20 3.80
CA ASN A 322 19.21 18.11 3.13
C ASN A 322 19.61 17.11 4.21
N PRO A 323 19.20 15.83 4.11
CA PRO A 323 19.52 14.83 5.14
C PRO A 323 21.01 14.73 5.52
N LEU A 324 21.92 14.66 4.54
CA LEU A 324 23.39 14.52 4.79
C LEU A 324 23.94 15.80 5.41
N ASP A 325 23.64 16.96 4.81
CA ASP A 325 24.17 18.29 5.23
C ASP A 325 23.75 18.55 6.69
N THR A 326 22.50 18.24 7.03
CA THR A 326 21.91 18.46 8.37
C THR A 326 22.65 17.57 9.38
N VAL A 327 22.82 16.28 9.08
CA VAL A 327 23.49 15.28 9.96
C VAL A 327 24.92 15.77 10.26
N LEU A 328 25.66 16.17 9.23
CA LEU A 328 27.08 16.59 9.34
C LEU A 328 27.18 17.85 10.22
N LYS A 329 26.29 18.83 10.00
CA LYS A 329 26.30 20.12 10.74
C LYS A 329 25.90 19.88 12.21
N VAL A 330 24.93 18.99 12.46
CA VAL A 330 24.48 18.60 13.82
C VAL A 330 25.66 17.96 14.58
N LEU A 331 26.34 16.97 13.97
CA LEU A 331 27.48 16.25 14.59
C LEU A 331 28.64 17.23 14.85
N ASP A 332 28.87 18.16 13.92
CA ASP A 332 29.90 19.23 14.05
C ASP A 332 29.59 20.07 15.30
N ILE A 333 28.33 20.46 15.48
CA ILE A 333 27.85 21.31 16.63
C ILE A 333 28.02 20.52 17.93
N LEU A 334 27.52 19.29 17.97
CA LEU A 334 27.59 18.41 19.16
C LEU A 334 29.06 18.13 19.51
N GLY A 335 29.90 17.94 18.48
CA GLY A 335 31.36 17.74 18.65
C GLY A 335 32.02 18.92 19.34
N LYS A 336 31.51 20.14 19.10
CA LYS A 336 32.07 21.40 19.64
C LYS A 336 31.59 21.65 21.07
N LYS A 337 30.50 21.00 21.50
CA LYS A 337 29.85 21.25 22.83
C LYS A 337 29.97 20.05 23.76
N PHE A 338 30.22 18.84 23.23
CA PHE A 338 30.33 17.59 24.03
C PHE A 338 31.67 16.92 23.73
N PRO A 339 32.21 16.10 24.66
CA PRO A 339 33.49 15.44 24.46
C PRO A 339 33.39 14.35 23.39
N VAL A 340 34.17 14.47 22.32
CA VAL A 340 34.27 13.50 21.20
C VAL A 340 35.50 12.63 21.44
N THR A 341 35.35 11.30 21.37
CA THR A 341 36.48 10.33 21.35
C THR A 341 36.75 9.92 19.91
N GLU A 342 37.90 9.31 19.66
CA GLU A 342 38.25 8.68 18.36
C GLU A 342 38.41 7.19 18.64
N ASN A 343 37.63 6.35 17.96
CA ASN A 343 37.63 4.87 18.20
C ASN A 343 38.86 4.27 17.52
N SER A 344 39.05 2.95 17.67
CA SER A 344 40.26 2.22 17.21
C SER A 344 40.37 2.20 15.68
N LYS A 345 39.29 2.56 14.97
CA LYS A 345 39.28 2.65 13.49
C LYS A 345 39.57 4.08 13.05
N GLY A 346 39.72 5.00 14.01
CA GLY A 346 40.09 6.41 13.77
C GLY A 346 38.88 7.27 13.42
N TYR A 347 37.68 6.87 13.85
CA TYR A 347 36.40 7.58 13.56
C TYR A 347 35.88 8.21 14.85
N LYS A 348 35.36 9.44 14.72
CA LYS A 348 34.89 10.27 15.87
C LYS A 348 33.63 9.63 16.45
N LEU A 349 33.53 9.61 17.79
CA LEU A 349 32.39 9.01 18.54
C LEU A 349 31.89 10.02 19.59
N LEU A 350 30.60 10.39 19.50
CA LEU A 350 29.86 11.16 20.52
C LEU A 350 29.91 10.41 21.84
N PRO A 351 29.69 11.11 22.98
CA PRO A 351 29.63 10.43 24.28
C PRO A 351 28.47 9.45 24.32
N PRO A 352 28.55 8.38 25.15
CA PRO A 352 27.53 7.33 25.18
C PRO A 352 26.12 7.79 25.57
N TYR A 353 25.99 8.98 26.17
CA TYR A 353 24.70 9.55 26.64
C TYR A 353 24.04 10.40 25.54
N LEU A 354 24.66 10.50 24.35
CA LEU A 354 24.19 11.39 23.25
C LEU A 354 24.28 10.66 21.90
N ARG A 355 23.18 10.65 21.15
CA ARG A 355 23.08 10.03 19.80
C ARG A 355 22.13 10.86 18.93
N VAL A 356 22.04 10.50 17.64
CA VAL A 356 21.18 11.18 16.64
C VAL A 356 20.31 10.13 15.94
N ILE A 357 19.07 10.49 15.58
CA ILE A 357 18.18 9.69 14.70
C ILE A 357 17.81 10.56 13.50
N GLN A 358 18.16 10.11 12.29
CA GLN A 358 17.72 10.74 11.01
C GLN A 358 16.44 10.01 10.57
N GLY A 359 15.28 10.59 10.89
CA GLY A 359 13.95 10.02 10.61
C GLY A 359 13.29 10.66 9.41
N ASP A 360 14.02 11.49 8.66
CA ASP A 360 13.51 12.23 7.47
C ASP A 360 14.38 11.93 6.24
N GLY A 361 13.73 11.68 5.10
CA GLY A 361 14.35 11.60 3.77
C GLY A 361 15.27 10.39 3.61
N VAL A 362 15.00 9.31 4.35
CA VAL A 362 15.81 8.05 4.28
C VAL A 362 15.08 7.06 3.38
N ASP A 363 15.79 6.54 2.37
CA ASP A 363 15.39 5.38 1.54
C ASP A 363 16.66 4.65 1.13
N ILE A 364 16.56 3.56 0.36
CA ILE A 364 17.71 2.71 -0.05
C ILE A 364 18.80 3.60 -0.67
N ASN A 365 18.42 4.61 -1.45
CA ASN A 365 19.36 5.47 -2.23
C ASN A 365 20.08 6.46 -1.30
N THR A 366 19.33 7.21 -0.48
CA THR A 366 19.85 8.32 0.36
C THR A 366 20.67 7.75 1.53
N LEU A 367 20.22 6.64 2.11
CA LEU A 367 20.92 5.93 3.23
C LEU A 367 22.39 5.78 2.85
N GLN A 368 22.67 5.26 1.65
CA GLN A 368 24.02 5.09 1.07
C GLN A 368 24.77 6.44 1.09
N GLU A 369 24.15 7.50 0.56
CA GLU A 369 24.77 8.85 0.44
C GLU A 369 25.15 9.36 1.84
N ILE A 370 24.29 9.12 2.85
CA ILE A 370 24.42 9.68 4.22
C ILE A 370 25.59 9.01 4.93
N VAL A 371 25.63 7.67 4.96
CA VAL A 371 26.70 6.90 5.67
C VAL A 371 28.04 7.17 4.96
N GLU A 372 28.05 7.32 3.63
CA GLU A 372 29.27 7.63 2.85
C GLU A 372 29.79 9.02 3.26
N GLY A 373 28.91 10.03 3.28
CA GLY A 373 29.25 11.40 3.70
C GLY A 373 29.75 11.46 5.14
N MET A 374 29.15 10.66 6.02
CA MET A 374 29.54 10.50 7.44
C MET A 374 30.95 9.91 7.52
N LYS A 375 31.23 8.89 6.71
CA LYS A 375 32.55 8.19 6.64
C LYS A 375 33.62 9.17 6.15
N GLN A 376 33.30 9.98 5.13
CA GLN A 376 34.25 10.96 4.50
C GLN A 376 34.61 12.06 5.51
N LYS A 377 33.72 12.39 6.44
CA LYS A 377 33.97 13.40 7.51
C LYS A 377 34.42 12.69 8.80
N LYS A 378 34.70 11.38 8.71
CA LYS A 378 35.31 10.56 9.79
C LYS A 378 34.40 10.55 11.02
N TRP A 379 33.09 10.41 10.80
CA TRP A 379 32.07 10.18 11.87
C TRP A 379 31.64 8.72 11.84
N SER A 380 31.78 8.01 12.96
CA SER A 380 31.35 6.59 13.08
C SER A 380 29.84 6.50 12.87
N ILE A 381 29.39 5.44 12.19
CA ILE A 381 27.96 5.12 11.94
C ILE A 381 27.25 4.86 13.27
N GLU A 382 27.99 4.55 14.34
CA GLU A 382 27.39 4.29 15.67
C GLU A 382 26.76 5.58 16.22
N ASN A 383 27.14 6.75 15.68
CA ASN A 383 26.63 8.08 16.12
C ASN A 383 25.18 8.31 15.69
N VAL A 384 24.79 7.73 14.55
CA VAL A 384 23.50 8.04 13.85
C VAL A 384 22.79 6.73 13.51
N SER A 385 21.55 6.58 13.99
CA SER A 385 20.58 5.55 13.52
C SER A 385 19.57 6.22 12.60
N PHE A 386 18.76 5.42 11.91
CA PHE A 386 17.93 5.87 10.78
C PHE A 386 16.49 5.38 10.98
N GLY A 387 15.56 6.10 10.37
CA GLY A 387 14.12 5.76 10.33
C GLY A 387 13.55 6.05 8.96
N SER A 388 12.59 5.25 8.51
CA SER A 388 11.92 5.39 7.21
C SER A 388 10.44 5.01 7.34
N GLY A 389 9.56 5.69 6.61
CA GLY A 389 8.10 5.52 6.70
C GLY A 389 7.52 5.00 5.39
N GLY A 390 7.01 5.90 4.55
CA GLY A 390 6.42 5.59 3.24
C GLY A 390 7.41 4.86 2.33
N ALA A 391 8.64 5.34 2.25
CA ALA A 391 9.73 4.75 1.42
C ALA A 391 9.98 3.29 1.87
N LEU A 392 9.82 3.01 3.16
CA LEU A 392 10.03 1.65 3.74
C LEU A 392 8.86 0.71 3.39
N LEU A 393 7.61 1.17 3.57
CA LEU A 393 6.41 0.28 3.60
C LEU A 393 5.38 0.61 2.50
N GLN A 394 5.49 1.74 1.78
CA GLN A 394 4.42 2.21 0.87
C GLN A 394 4.96 2.39 -0.56
N LYS A 395 6.07 3.10 -0.75
CA LYS A 395 6.66 3.40 -2.08
C LYS A 395 7.34 2.14 -2.63
N LEU A 396 6.67 0.99 -2.57
CA LEU A 396 7.12 -0.29 -3.17
C LEU A 396 5.99 -0.78 -4.06
N THR A 397 6.33 -1.42 -5.18
CA THR A 397 5.37 -1.97 -6.17
C THR A 397 5.78 -3.39 -6.57
N ARG A 398 4.85 -4.13 -7.14
CA ARG A 398 5.03 -5.53 -7.59
C ARG A 398 6.12 -5.59 -8.67
N ASP A 399 6.33 -4.49 -9.41
CA ASP A 399 7.29 -4.40 -10.54
C ASP A 399 8.73 -4.20 -10.05
N LEU A 400 8.92 -3.83 -8.77
CA LEU A 400 10.26 -3.62 -8.15
C LEU A 400 11.10 -4.90 -8.32
N LEU A 401 10.53 -6.06 -8.00
CA LEU A 401 11.20 -7.40 -8.13
C LEU A 401 10.53 -8.21 -9.24
N ASN A 402 9.56 -7.63 -9.95
CA ASN A 402 8.77 -8.28 -11.03
C ASN A 402 8.18 -9.58 -10.50
N CYS A 403 7.44 -9.51 -9.39
CA CYS A 403 6.69 -10.64 -8.79
C CYS A 403 5.47 -10.94 -9.65
N SER A 404 5.38 -12.16 -10.21
CA SER A 404 4.24 -12.59 -11.05
C SER A 404 3.99 -14.10 -10.90
N PHE A 405 2.73 -14.49 -11.16
CA PHE A 405 2.19 -15.87 -11.12
C PHE A 405 1.86 -16.29 -12.54
N LYS A 406 2.38 -17.43 -13.00
CA LYS A 406 2.25 -17.88 -14.42
C LYS A 406 1.93 -19.39 -14.46
N CYS A 407 1.01 -19.79 -15.34
CA CYS A 407 0.74 -21.21 -15.67
C CYS A 407 1.89 -21.73 -16.54
N SER A 408 2.58 -22.79 -16.08
CA SER A 408 3.74 -23.40 -16.77
C SER A 408 3.40 -24.81 -17.30
N TYR A 409 2.37 -25.47 -16.76
CA TYR A 409 2.04 -26.90 -17.07
C TYR A 409 0.54 -27.14 -16.92
N VAL A 410 -0.05 -27.86 -17.86
CA VAL A 410 -1.47 -28.32 -17.86
C VAL A 410 -1.51 -29.79 -18.30
N VAL A 411 -2.48 -30.55 -17.80
CA VAL A 411 -2.84 -31.89 -18.35
C VAL A 411 -4.21 -31.73 -19.03
N THR A 412 -4.27 -32.00 -20.33
CA THR A 412 -5.51 -31.98 -21.15
C THR A 412 -5.60 -33.29 -21.94
N ASN A 413 -6.74 -33.97 -21.88
CA ASN A 413 -6.96 -35.33 -22.46
C ASN A 413 -5.89 -36.28 -21.92
N GLY A 414 -5.54 -36.15 -20.63
CA GLY A 414 -4.59 -37.03 -19.92
C GLY A 414 -3.15 -36.83 -20.35
N LEU A 415 -2.86 -35.84 -21.21
CA LEU A 415 -1.51 -35.55 -21.74
C LEU A 415 -0.97 -34.24 -21.14
N GLY A 416 0.21 -34.29 -20.54
CA GLY A 416 0.94 -33.10 -20.04
C GLY A 416 1.35 -32.19 -21.18
N VAL A 417 1.15 -30.88 -21.01
CA VAL A 417 1.55 -29.84 -22.00
C VAL A 417 2.31 -28.75 -21.26
N ASN A 418 3.56 -28.48 -21.67
CA ASN A 418 4.39 -27.37 -21.13
C ASN A 418 3.92 -26.07 -21.78
N VAL A 419 3.45 -25.12 -20.98
CA VAL A 419 2.85 -23.84 -21.47
C VAL A 419 3.65 -22.65 -20.91
N PHE A 420 3.52 -21.50 -21.58
CA PHE A 420 4.32 -20.28 -21.36
C PHE A 420 3.79 -19.17 -22.24
N LYS A 421 4.04 -17.92 -21.86
CA LYS A 421 3.87 -16.72 -22.72
C LYS A 421 5.25 -16.31 -23.22
N ASP A 422 5.30 -15.62 -24.36
CA ASP A 422 6.55 -15.17 -25.01
C ASP A 422 6.21 -14.00 -25.94
N PRO A 423 5.80 -12.83 -25.38
CA PRO A 423 5.38 -11.70 -26.20
C PRO A 423 6.55 -11.20 -27.07
N VAL A 424 6.31 -11.06 -28.37
CA VAL A 424 7.36 -10.81 -29.41
C VAL A 424 8.11 -9.50 -29.08
N ALA A 425 7.44 -8.54 -28.46
CA ALA A 425 7.96 -7.17 -28.21
C ALA A 425 8.77 -7.11 -26.90
N ASP A 426 8.63 -8.09 -26.00
CA ASP A 426 9.26 -8.04 -24.65
C ASP A 426 9.68 -9.43 -24.20
N PRO A 427 10.93 -9.87 -24.53
CA PRO A 427 11.50 -11.11 -24.01
C PRO A 427 11.49 -11.25 -22.48
N ASN A 428 11.58 -10.14 -21.73
CA ASN A 428 11.57 -10.14 -20.24
C ASN A 428 10.26 -10.71 -19.69
N LYS A 429 9.18 -10.69 -20.49
CA LYS A 429 7.83 -11.18 -20.08
C LYS A 429 7.67 -12.67 -20.44
N ARG A 430 8.71 -13.30 -21.01
CA ARG A 430 8.74 -14.77 -21.24
C ARG A 430 8.64 -15.48 -19.88
N SER A 431 7.75 -16.47 -19.78
CA SER A 431 7.53 -17.29 -18.56
C SER A 431 8.16 -18.68 -18.78
N LYS A 432 8.37 -19.43 -17.69
CA LYS A 432 9.06 -20.74 -17.71
C LYS A 432 8.10 -21.81 -18.21
N LYS A 433 8.63 -22.93 -18.71
CA LYS A 433 7.89 -24.04 -19.35
C LYS A 433 7.84 -25.26 -18.42
N GLY A 434 6.65 -25.81 -18.21
CA GLY A 434 6.43 -27.16 -17.64
C GLY A 434 6.68 -27.22 -16.14
N ARG A 435 6.75 -28.44 -15.61
CA ARG A 435 6.96 -28.73 -14.17
C ARG A 435 8.33 -28.20 -13.74
N LEU A 436 8.36 -27.45 -12.64
CA LEU A 436 9.57 -26.71 -12.16
C LEU A 436 10.06 -27.30 -10.83
N SER A 437 11.36 -27.17 -10.59
CA SER A 437 12.03 -27.50 -9.31
C SER A 437 13.23 -26.56 -9.14
N LEU A 438 13.60 -26.28 -7.89
CA LEU A 438 14.73 -25.39 -7.50
C LEU A 438 15.85 -26.25 -6.88
N HIS A 439 17.09 -26.01 -7.29
CA HIS A 439 18.27 -26.83 -6.91
C HIS A 439 19.45 -25.93 -6.59
N ARG A 440 20.25 -26.36 -5.60
CA ARG A 440 21.63 -25.86 -5.38
C ARG A 440 22.50 -26.40 -6.50
N THR A 441 23.39 -25.56 -7.06
CA THR A 441 24.42 -25.97 -8.05
C THR A 441 25.66 -26.41 -7.28
N PRO A 442 26.58 -27.19 -7.90
CA PRO A 442 27.83 -27.58 -7.24
C PRO A 442 28.59 -26.41 -6.58
N ALA A 443 28.62 -25.24 -7.22
CA ALA A 443 29.38 -24.04 -6.76
C ALA A 443 28.60 -23.28 -5.67
N GLY A 444 27.40 -23.73 -5.31
CA GLY A 444 26.62 -23.18 -4.18
C GLY A 444 25.61 -22.12 -4.62
N ASN A 445 25.33 -22.04 -5.93
CA ASN A 445 24.35 -21.09 -6.52
C ASN A 445 23.00 -21.82 -6.67
N PHE A 446 22.05 -21.22 -7.38
CA PHE A 446 20.67 -21.76 -7.56
C PHE A 446 20.37 -21.92 -9.04
N VAL A 447 19.59 -22.94 -9.39
CA VAL A 447 19.04 -23.15 -10.76
C VAL A 447 17.59 -23.63 -10.62
N THR A 448 16.69 -23.06 -11.43
CA THR A 448 15.31 -23.56 -11.64
C THR A 448 15.34 -24.47 -12.87
N LEU A 449 15.03 -25.76 -12.68
CA LEU A 449 14.93 -26.75 -13.79
C LEU A 449 13.51 -26.74 -14.34
N GLU A 450 13.37 -26.61 -15.65
CA GLU A 450 12.08 -26.55 -16.38
C GLU A 450 11.78 -27.90 -17.03
N GLU A 451 10.56 -28.06 -17.54
CA GLU A 451 10.12 -29.21 -18.38
C GLU A 451 10.28 -30.53 -17.61
N GLY A 452 10.24 -30.47 -16.27
CA GLY A 452 10.34 -31.63 -15.37
C GLY A 452 11.74 -32.24 -15.32
N LYS A 453 12.77 -31.53 -15.79
CA LYS A 453 14.17 -32.03 -15.87
C LYS A 453 14.75 -32.31 -14.48
N GLY A 454 14.08 -31.84 -13.42
CA GLY A 454 14.38 -32.23 -12.02
C GLY A 454 14.34 -33.75 -11.84
N ASP A 455 13.49 -34.44 -12.61
CA ASP A 455 13.28 -35.91 -12.56
C ASP A 455 14.57 -36.65 -12.97
N LEU A 456 15.48 -36.01 -13.70
CA LEU A 456 16.78 -36.59 -14.13
C LEU A 456 17.70 -36.77 -12.91
N GLU A 457 17.44 -36.02 -11.81
CA GLU A 457 18.18 -36.09 -10.52
C GLU A 457 19.68 -35.85 -10.77
N GLU A 458 20.02 -34.89 -11.63
CA GLU A 458 21.42 -34.47 -11.94
C GLU A 458 21.90 -33.43 -10.92
N TYR A 459 20.96 -32.82 -10.18
CA TYR A 459 21.22 -31.92 -9.02
C TYR A 459 20.65 -32.61 -7.78
N GLY A 460 20.70 -31.96 -6.62
CA GLY A 460 20.19 -32.53 -5.35
C GLY A 460 18.68 -32.57 -5.33
N HIS A 461 18.09 -32.68 -4.13
CA HIS A 461 16.63 -32.59 -3.88
C HIS A 461 16.12 -31.18 -4.24
N ASP A 462 14.90 -31.10 -4.78
CA ASP A 462 14.10 -29.86 -4.94
C ASP A 462 14.10 -29.11 -3.61
N LEU A 463 14.39 -27.80 -3.62
CA LEU A 463 14.47 -26.97 -2.38
C LEU A 463 13.08 -26.54 -1.93
N LEU A 464 12.08 -26.61 -2.81
CA LEU A 464 10.65 -26.32 -2.48
C LEU A 464 10.12 -27.46 -1.60
N HIS A 465 9.27 -27.12 -0.63
CA HIS A 465 8.58 -28.07 0.28
C HIS A 465 7.06 -27.82 0.19
N THR A 466 6.25 -28.88 0.27
CA THR A 466 4.78 -28.80 0.41
C THR A 466 4.45 -28.07 1.71
N VAL A 467 3.92 -26.85 1.60
CA VAL A 467 3.52 -25.99 2.77
C VAL A 467 2.00 -26.05 2.95
N PHE A 468 1.26 -26.40 1.90
CA PHE A 468 -0.23 -26.44 1.87
C PHE A 468 -0.69 -27.63 1.03
N LYS A 469 -1.70 -28.35 1.52
CA LYS A 469 -2.36 -29.46 0.78
C LYS A 469 -3.75 -29.71 1.37
N ASN A 470 -4.78 -29.64 0.53
CA ASN A 470 -6.19 -30.01 0.83
C ASN A 470 -6.65 -29.30 2.11
N GLY A 471 -6.41 -28.00 2.19
CA GLY A 471 -6.98 -27.10 3.22
C GLY A 471 -6.16 -27.08 4.50
N LYS A 472 -5.00 -27.74 4.52
CA LYS A 472 -4.13 -27.90 5.72
C LYS A 472 -2.73 -27.34 5.43
N VAL A 473 -2.18 -26.57 6.38
CA VAL A 473 -0.74 -26.16 6.37
C VAL A 473 0.08 -27.37 6.84
N THR A 474 0.92 -27.89 5.95
CA THR A 474 1.68 -29.17 6.12
C THR A 474 3.10 -28.88 6.59
N LYS A 475 3.63 -27.70 6.29
CA LYS A 475 5.00 -27.26 6.69
C LYS A 475 4.94 -25.78 7.10
N SER A 476 5.49 -25.47 8.28
CA SER A 476 5.41 -24.14 8.94
C SER A 476 6.79 -23.76 9.48
N TYR A 477 7.04 -22.45 9.65
CA TYR A 477 8.31 -21.88 10.17
C TYR A 477 8.01 -20.89 11.30
N SER A 478 8.81 -20.94 12.36
CA SER A 478 8.88 -19.91 13.42
C SER A 478 9.52 -18.64 12.85
N PHE A 479 9.26 -17.47 13.43
CA PHE A 479 9.89 -16.20 13.00
C PHE A 479 11.39 -16.25 13.28
N ASP A 480 11.81 -17.09 14.23
CA ASP A 480 13.24 -17.35 14.53
C ASP A 480 13.90 -18.02 13.31
N GLU A 481 13.22 -19.00 12.72
CA GLU A 481 13.70 -19.68 11.47
C GLU A 481 13.74 -18.67 10.32
N VAL A 482 12.73 -17.81 10.20
CA VAL A 482 12.64 -16.78 9.12
C VAL A 482 13.85 -15.85 9.23
N ARG A 483 14.10 -15.31 10.43
CA ARG A 483 15.21 -14.35 10.69
C ARG A 483 16.55 -15.02 10.37
N LYS A 484 16.77 -16.25 10.84
CA LYS A 484 18.02 -17.02 10.60
C LYS A 484 18.25 -17.18 9.09
N ASN A 485 17.22 -17.59 8.35
CA ASN A 485 17.27 -17.82 6.88
C ASN A 485 17.58 -16.51 6.15
N ALA A 486 17.10 -15.38 6.67
CA ALA A 486 17.17 -14.04 6.02
C ALA A 486 18.44 -13.27 6.44
N GLN A 487 19.33 -13.89 7.22
CA GLN A 487 20.57 -13.27 7.75
C GLN A 487 21.45 -12.78 6.60
N LEU A 488 22.32 -11.81 6.88
CA LEU A 488 23.40 -11.38 5.95
C LEU A 488 24.53 -12.42 6.02
N ASN A 489 25.41 -12.46 5.02
CA ASN A 489 26.64 -13.30 5.00
C ASN A 489 27.45 -13.05 6.28
N GLU B 14 -11.76 -7.51 18.67
CA GLU B 14 -11.04 -7.78 17.39
C GLU B 14 -9.96 -6.71 17.18
N PHE B 15 -10.35 -5.53 16.70
CA PHE B 15 -9.46 -4.34 16.51
C PHE B 15 -9.39 -3.56 17.82
N ASN B 16 -8.19 -3.15 18.22
CA ASN B 16 -7.91 -2.40 19.48
C ASN B 16 -7.28 -1.05 19.13
N ILE B 17 -8.08 0.03 19.18
CA ILE B 17 -7.67 1.41 18.78
C ILE B 17 -6.56 1.91 19.71
N LEU B 18 -6.43 1.33 20.90
CA LEU B 18 -5.34 1.65 21.87
C LEU B 18 -3.98 1.20 21.30
N LEU B 19 -3.97 0.15 20.47
CA LEU B 19 -2.74 -0.37 19.81
C LEU B 19 -2.53 0.34 18.46
N ALA B 20 -3.57 0.99 17.92
CA ALA B 20 -3.62 1.51 16.53
C ALA B 20 -3.08 2.94 16.47
N THR B 21 -1.93 3.19 17.10
CA THR B 21 -1.21 4.48 17.10
C THR B 21 0.29 4.20 16.93
N ASP B 22 1.05 5.19 16.46
CA ASP B 22 2.54 5.18 16.53
C ASP B 22 2.90 4.98 18.00
N SER B 23 3.61 3.90 18.34
CA SER B 23 3.78 3.39 19.72
C SER B 23 4.34 4.47 20.65
N TYR B 24 5.17 5.39 20.13
CA TYR B 24 5.81 6.48 20.92
C TYR B 24 4.75 7.45 21.47
N LYS B 25 3.57 7.55 20.84
CA LYS B 25 2.49 8.49 21.27
C LYS B 25 1.95 8.10 22.64
N VAL B 26 2.17 6.85 23.06
CA VAL B 26 1.82 6.33 24.42
C VAL B 26 2.39 7.25 25.50
N THR B 27 3.53 7.89 25.26
CA THR B 27 4.31 8.69 26.24
C THR B 27 3.96 10.19 26.17
N HIS B 28 3.08 10.60 25.26
CA HIS B 28 2.87 12.03 24.88
C HIS B 28 2.05 12.77 25.93
N TYR B 29 1.16 12.09 26.65
CA TYR B 29 0.36 12.67 27.76
C TYR B 29 1.31 13.30 28.80
N LYS B 30 2.49 12.68 28.98
CA LYS B 30 3.56 13.13 29.92
C LYS B 30 4.39 14.29 29.35
N GLN B 31 4.24 14.65 28.06
CA GLN B 31 5.18 15.56 27.34
C GLN B 31 4.55 16.93 27.08
N TYR B 32 3.21 17.00 26.94
CA TYR B 32 2.46 18.26 26.73
C TYR B 32 2.66 19.15 27.96
N PRO B 33 2.53 20.49 27.83
CA PRO B 33 2.71 21.39 28.97
C PRO B 33 1.69 21.05 30.04
N PRO B 34 2.07 21.03 31.34
CA PRO B 34 1.10 20.89 32.42
C PRO B 34 -0.08 21.86 32.29
N ASN B 35 -1.26 21.44 32.73
CA ASN B 35 -2.51 22.25 32.78
C ASN B 35 -3.00 22.53 31.35
N THR B 36 -2.80 21.59 30.43
CA THR B 36 -3.34 21.65 29.05
C THR B 36 -4.70 20.95 29.04
N SER B 37 -5.75 21.71 28.69
CA SER B 37 -7.17 21.28 28.71
C SER B 37 -7.66 20.99 27.28
N LYS B 38 -6.99 21.53 26.26
CA LYS B 38 -7.40 21.37 24.84
C LYS B 38 -6.15 21.15 23.96
N VAL B 39 -6.22 20.18 23.06
CA VAL B 39 -5.31 20.01 21.90
C VAL B 39 -6.17 20.00 20.63
N TYR B 40 -6.00 21.01 19.78
CA TYR B 40 -6.70 21.21 18.49
C TYR B 40 -5.69 21.02 17.35
N SER B 41 -6.01 20.13 16.42
CA SER B 41 -5.12 19.70 15.30
C SER B 41 -5.92 19.65 14.00
N TYR B 42 -5.24 19.82 12.87
CA TYR B 42 -5.85 19.89 11.51
C TYR B 42 -5.05 19.03 10.53
N PHE B 43 -5.75 18.56 9.50
CA PHE B 43 -5.19 17.80 8.35
C PHE B 43 -5.30 18.69 7.10
N GLU B 44 -4.22 18.79 6.32
CA GLU B 44 -4.19 19.49 5.02
C GLU B 44 -3.33 18.69 4.03
N CYS B 45 -3.55 18.91 2.73
CA CYS B 45 -2.65 18.49 1.62
C CYS B 45 -1.74 19.68 1.31
N ARG B 46 -0.63 19.78 2.05
CA ARG B 46 0.31 20.93 2.07
C ARG B 46 0.76 21.27 0.66
N GLU B 47 0.95 22.57 0.36
CA GLU B 47 1.55 23.06 -0.91
C GLU B 47 3.03 22.69 -0.91
N LYS B 59 1.92 17.60 -10.98
CA LYS B 59 1.39 18.70 -10.12
C LYS B 59 -0.10 18.45 -9.85
N TYR B 60 -0.48 18.35 -8.58
CA TYR B 60 -1.86 18.08 -8.10
C TYR B 60 -2.37 19.33 -7.36
N GLU B 61 -2.94 20.29 -8.11
CA GLU B 61 -3.34 21.63 -7.59
C GLU B 61 -4.59 21.51 -6.70
N GLU B 62 -5.42 20.49 -6.91
CA GLU B 62 -6.65 20.27 -6.12
C GLU B 62 -6.79 18.77 -5.79
N THR B 63 -7.33 18.46 -4.61
CA THR B 63 -7.45 17.08 -4.07
C THR B 63 -8.93 16.76 -3.83
N VAL B 64 -9.31 15.50 -4.01
CA VAL B 64 -10.64 14.94 -3.65
C VAL B 64 -10.57 14.47 -2.19
N PHE B 65 -11.41 15.03 -1.32
CA PHE B 65 -11.50 14.61 0.10
C PHE B 65 -12.46 13.42 0.21
N TYR B 66 -11.92 12.20 0.31
CA TYR B 66 -12.69 10.94 0.41
C TYR B 66 -11.98 9.94 1.33
N GLY B 67 -12.74 9.27 2.20
CA GLY B 67 -12.27 8.10 2.95
C GLY B 67 -12.36 8.26 4.47
N LEU B 68 -12.48 9.50 4.97
CA LEU B 68 -12.54 9.77 6.43
C LEU B 68 -13.74 9.02 7.04
N GLN B 69 -14.90 9.08 6.38
CA GLN B 69 -16.17 8.46 6.83
C GLN B 69 -15.97 6.95 7.04
N TYR B 70 -15.21 6.28 6.17
CA TYR B 70 -14.86 4.83 6.28
C TYR B 70 -14.14 4.58 7.62
N ILE B 71 -13.11 5.38 7.92
CA ILE B 71 -12.27 5.25 9.14
C ILE B 71 -13.13 5.53 10.38
N LEU B 72 -13.92 6.62 10.36
CA LEU B 72 -14.78 7.03 11.50
C LEU B 72 -15.73 5.89 11.89
N ASN B 73 -16.37 5.28 10.90
CA ASN B 73 -17.39 4.21 11.07
C ASN B 73 -16.72 2.89 11.46
N LYS B 74 -15.62 2.52 10.78
CA LYS B 74 -14.98 1.20 10.93
C LYS B 74 -14.27 1.10 12.29
N TYR B 75 -13.59 2.17 12.72
CA TYR B 75 -12.56 2.11 13.80
C TYR B 75 -12.91 2.99 15.02
N LEU B 76 -13.49 4.18 14.84
CA LEU B 76 -13.53 5.24 15.89
C LEU B 76 -14.89 5.32 16.59
N LYS B 77 -16.00 4.96 15.93
CA LYS B 77 -17.37 5.22 16.45
C LYS B 77 -17.78 4.13 17.46
N GLY B 78 -18.65 4.49 18.41
CA GLY B 78 -19.25 3.56 19.39
C GLY B 78 -18.33 3.28 20.57
N LYS B 79 -18.55 2.16 21.26
CA LYS B 79 -17.74 1.71 22.43
C LYS B 79 -16.45 1.05 21.92
N VAL B 80 -15.37 1.83 21.83
CA VAL B 80 -14.06 1.39 21.26
C VAL B 80 -13.08 1.06 22.39
N VAL B 81 -13.47 1.31 23.65
CA VAL B 81 -12.64 1.05 24.87
C VAL B 81 -13.37 0.03 25.75
N THR B 82 -12.66 -1.02 26.18
CA THR B 82 -13.14 -2.08 27.11
C THR B 82 -12.05 -2.36 28.14
N LYS B 83 -12.41 -3.00 29.26
CA LYS B 83 -11.46 -3.45 30.31
C LYS B 83 -10.40 -4.37 29.68
N GLU B 84 -10.81 -5.23 28.75
CA GLU B 84 -9.94 -6.22 28.04
C GLU B 84 -8.92 -5.48 27.16
N LYS B 85 -9.37 -4.49 26.39
CA LYS B 85 -8.53 -3.72 25.42
C LYS B 85 -7.50 -2.87 26.19
N ILE B 86 -7.89 -2.32 27.34
CA ILE B 86 -6.96 -1.55 28.24
C ILE B 86 -5.89 -2.51 28.78
N GLN B 87 -6.29 -3.73 29.17
CA GLN B 87 -5.37 -4.76 29.72
C GLN B 87 -4.43 -5.26 28.61
N GLU B 88 -4.95 -5.48 27.40
CA GLU B 88 -4.17 -5.89 26.21
C GLU B 88 -3.08 -4.83 25.95
N ALA B 89 -3.47 -3.55 25.89
CA ALA B 89 -2.56 -2.40 25.65
C ALA B 89 -1.44 -2.39 26.69
N LYS B 90 -1.78 -2.53 27.98
CA LYS B 90 -0.82 -2.52 29.12
C LYS B 90 0.27 -3.58 28.86
N GLU B 91 -0.14 -4.80 28.52
CA GLU B 91 0.76 -5.96 28.26
C GLU B 91 1.59 -5.71 26.99
N VAL B 92 0.94 -5.35 25.89
CA VAL B 92 1.59 -5.17 24.55
C VAL B 92 2.67 -4.09 24.65
N TYR B 93 2.37 -2.95 25.29
CA TYR B 93 3.28 -1.78 25.38
C TYR B 93 4.38 -2.03 26.41
N ARG B 94 4.10 -2.76 27.50
CA ARG B 94 5.12 -3.13 28.53
C ARG B 94 6.27 -3.87 27.84
N GLU B 95 5.96 -4.85 27.00
CA GLU B 95 6.98 -5.64 26.24
C GLU B 95 7.69 -4.72 25.23
N HIS B 96 6.92 -3.96 24.46
CA HIS B 96 7.41 -3.13 23.32
C HIS B 96 8.44 -2.11 23.82
N PHE B 97 8.23 -1.55 25.02
CA PHE B 97 9.09 -0.50 25.61
C PHE B 97 9.99 -1.07 26.72
N GLN B 98 9.75 -2.31 27.16
CA GLN B 98 10.44 -2.95 28.31
C GLN B 98 10.33 -2.02 29.53
N ASP B 99 9.16 -1.39 29.70
CA ASP B 99 8.88 -0.35 30.72
C ASP B 99 7.36 -0.10 30.76
N ASP B 100 6.78 0.02 31.96
CA ASP B 100 5.32 0.23 32.15
C ASP B 100 5.03 1.72 31.92
N VAL B 101 4.96 2.11 30.64
CA VAL B 101 4.85 3.52 30.17
C VAL B 101 3.40 3.81 29.75
N PHE B 102 2.64 2.79 29.36
CA PHE B 102 1.20 2.92 28.99
C PHE B 102 0.41 3.40 30.22
N ASN B 103 -0.43 4.42 30.04
CA ASN B 103 -1.25 5.05 31.11
C ASN B 103 -2.70 4.58 31.00
N GLU B 104 -3.12 3.70 31.90
CA GLU B 104 -4.49 3.12 31.97
C GLU B 104 -5.50 4.19 32.39
N ARG B 105 -5.06 5.15 33.22
CA ARG B 105 -5.92 6.17 33.89
C ARG B 105 -6.81 6.87 32.86
N GLY B 106 -6.20 7.44 31.82
CA GLY B 106 -6.89 8.22 30.77
C GLY B 106 -7.91 7.39 30.02
N TRP B 107 -7.60 6.12 29.76
CA TRP B 107 -8.48 5.16 29.05
C TRP B 107 -9.57 4.64 29.99
N ASN B 108 -9.23 4.42 31.27
CA ASN B 108 -10.19 4.02 32.33
C ASN B 108 -11.21 5.15 32.54
N TYR B 109 -10.77 6.41 32.43
CA TYR B 109 -11.65 7.61 32.50
C TYR B 109 -12.70 7.53 31.39
N ILE B 110 -12.25 7.40 30.13
CA ILE B 110 -13.12 7.35 28.91
C ILE B 110 -14.10 6.19 29.05
N LEU B 111 -13.64 5.02 29.52
CA LEU B 111 -14.48 3.81 29.75
C LEU B 111 -15.59 4.14 30.77
N GLU B 112 -15.21 4.65 31.95
CA GLU B 112 -16.12 4.90 33.10
C GLU B 112 -17.09 6.05 32.79
N LYS B 113 -16.61 7.13 32.17
CA LYS B 113 -17.34 8.41 32.01
C LYS B 113 -18.25 8.35 30.76
N TYR B 114 -17.76 7.80 29.65
CA TYR B 114 -18.44 7.89 28.32
C TYR B 114 -18.76 6.49 27.77
N ASP B 115 -18.69 5.44 28.59
CA ASP B 115 -18.95 4.03 28.19
C ASP B 115 -18.07 3.70 26.96
N GLY B 116 -16.80 4.10 26.99
CA GLY B 116 -15.77 3.76 25.98
C GLY B 116 -15.97 4.50 24.66
N HIS B 117 -16.78 5.56 24.64
CA HIS B 117 -16.98 6.47 23.47
C HIS B 117 -15.91 7.57 23.52
N LEU B 118 -15.21 7.84 22.42
CA LEU B 118 -14.08 8.79 22.37
C LEU B 118 -14.61 10.22 22.46
N PRO B 119 -14.25 10.98 23.52
CA PRO B 119 -14.65 12.38 23.64
C PRO B 119 -13.79 13.30 22.77
N ILE B 120 -14.02 13.26 21.46
CA ILE B 120 -13.37 14.13 20.43
C ILE B 120 -14.46 14.68 19.50
N GLU B 121 -14.23 15.86 18.92
CA GLU B 121 -15.05 16.42 17.82
C GLU B 121 -14.18 16.46 16.56
N VAL B 122 -14.68 15.91 15.45
CA VAL B 122 -14.04 15.95 14.10
C VAL B 122 -14.93 16.77 13.18
N LYS B 123 -14.40 17.86 12.63
CA LYS B 123 -15.03 18.68 11.56
C LYS B 123 -14.27 18.41 10.26
N ALA B 124 -14.97 18.39 9.13
CA ALA B 124 -14.40 18.06 7.81
C ALA B 124 -15.25 18.67 6.68
N VAL B 125 -14.61 18.95 5.54
CA VAL B 125 -15.31 19.30 4.27
C VAL B 125 -16.12 18.08 3.85
N PRO B 126 -17.30 18.25 3.18
CA PRO B 126 -18.08 17.12 2.68
C PRO B 126 -17.23 16.09 1.90
N GLU B 127 -17.54 14.80 2.07
CA GLU B 127 -16.89 13.68 1.35
C GLU B 127 -17.09 13.88 -0.17
N GLY B 128 -16.00 13.78 -0.94
CA GLY B 128 -16.03 13.96 -2.41
C GLY B 128 -15.74 15.39 -2.83
N SER B 129 -15.64 16.32 -1.88
CA SER B 129 -15.34 17.76 -2.12
C SER B 129 -13.99 17.88 -2.84
N VAL B 130 -13.91 18.74 -3.86
CA VAL B 130 -12.65 19.06 -4.58
C VAL B 130 -12.12 20.38 -4.01
N ILE B 131 -11.04 20.31 -3.23
CA ILE B 131 -10.46 21.46 -2.47
C ILE B 131 -9.04 21.71 -2.96
N PRO B 132 -8.65 22.96 -3.30
CA PRO B 132 -7.27 23.28 -3.67
C PRO B 132 -6.27 22.94 -2.53
N ARG B 133 -5.00 22.77 -2.89
CA ARG B 133 -3.89 22.45 -1.95
C ARG B 133 -3.72 23.59 -0.94
N GLY B 134 -3.25 23.25 0.26
CA GLY B 134 -2.88 24.22 1.31
C GLY B 134 -4.09 24.70 2.11
N ASN B 135 -5.16 23.91 2.16
CA ASN B 135 -6.43 24.27 2.85
C ASN B 135 -6.76 23.23 3.93
N VAL B 136 -7.26 23.69 5.09
CA VAL B 136 -7.80 22.80 6.15
C VAL B 136 -8.90 21.92 5.53
N LEU B 137 -8.79 20.60 5.69
CA LEU B 137 -9.76 19.61 5.15
C LEU B 137 -10.53 18.96 6.30
N PHE B 138 -9.85 18.66 7.42
CA PHE B 138 -10.52 18.27 8.68
C PHE B 138 -9.70 18.74 9.88
N THR B 139 -10.37 18.85 11.03
CA THR B 139 -9.80 19.26 12.34
C THR B 139 -10.28 18.28 13.41
N VAL B 140 -9.46 18.08 14.44
CA VAL B 140 -9.77 17.21 15.61
C VAL B 140 -9.44 18.00 16.88
N GLU B 141 -10.34 17.96 17.87
CA GLU B 141 -10.10 18.50 19.23
C GLU B 141 -10.85 17.61 20.24
N ASN B 142 -10.28 17.49 21.45
CA ASN B 142 -10.92 16.81 22.61
C ASN B 142 -12.10 17.65 23.09
N THR B 143 -13.16 16.99 23.58
CA THR B 143 -14.40 17.64 24.10
C THR B 143 -14.39 17.61 25.64
N ASP B 144 -13.49 16.84 26.24
CA ASP B 144 -13.29 16.73 27.71
C ASP B 144 -11.86 17.17 28.01
N PRO B 145 -11.65 18.11 28.96
CA PRO B 145 -10.31 18.62 29.23
C PRO B 145 -9.33 17.54 29.70
N GLU B 146 -9.84 16.45 30.28
CA GLU B 146 -9.03 15.31 30.79
C GLU B 146 -8.41 14.53 29.63
N CYS B 147 -8.98 14.61 28.43
CA CYS B 147 -8.59 13.82 27.24
C CYS B 147 -7.87 14.70 26.20
N TYR B 148 -7.12 15.70 26.66
CA TYR B 148 -6.26 16.59 25.84
C TYR B 148 -5.30 15.75 24.97
N TRP B 149 -4.84 14.62 25.52
CA TRP B 149 -3.85 13.70 24.90
C TRP B 149 -4.47 12.94 23.70
N LEU B 150 -5.79 12.78 23.68
CA LEU B 150 -6.52 11.87 22.74
C LEU B 150 -6.42 12.40 21.31
N THR B 151 -6.47 13.73 21.12
CA THR B 151 -6.43 14.39 19.78
C THR B 151 -5.26 13.81 18.97
N ASN B 152 -4.06 13.77 19.54
CA ASN B 152 -2.84 13.37 18.79
C ASN B 152 -2.65 11.84 18.88
N TRP B 153 -3.28 11.15 19.84
CA TRP B 153 -3.30 9.66 19.88
C TRP B 153 -3.85 9.13 18.53
N ILE B 154 -4.95 9.71 18.03
CA ILE B 154 -5.69 9.20 16.83
C ILE B 154 -5.15 9.83 15.53
N GLU B 155 -4.07 10.61 15.58
CA GLU B 155 -3.39 11.16 14.37
C GLU B 155 -3.15 10.02 13.38
N THR B 156 -2.42 8.98 13.81
CA THR B 156 -1.90 7.89 12.95
C THR B 156 -3.03 7.31 12.09
N ILE B 157 -4.14 6.92 12.71
CA ILE B 157 -5.27 6.21 12.04
C ILE B 157 -6.01 7.18 11.11
N LEU B 158 -6.18 8.45 11.49
CA LEU B 158 -6.88 9.48 10.68
C LEU B 158 -6.02 9.88 9.48
N VAL B 159 -4.69 9.91 9.65
CA VAL B 159 -3.72 10.33 8.60
C VAL B 159 -3.76 9.30 7.45
N GLN B 160 -4.07 8.04 7.72
CA GLN B 160 -4.19 6.95 6.71
C GLN B 160 -5.28 7.30 5.68
N SER B 161 -6.07 8.35 5.92
CA SER B 161 -7.03 8.94 4.95
C SER B 161 -6.27 9.49 3.73
N TRP B 162 -4.95 9.71 3.84
CA TRP B 162 -4.09 10.14 2.71
C TRP B 162 -4.34 9.22 1.51
N TYR B 163 -4.52 7.92 1.75
CA TYR B 163 -4.56 6.87 0.68
C TYR B 163 -5.83 7.03 -0.16
N PRO B 164 -7.05 6.91 0.41
CA PRO B 164 -8.27 7.12 -0.39
C PRO B 164 -8.35 8.52 -1.01
N ILE B 165 -7.82 9.54 -0.32
CA ILE B 165 -7.69 10.92 -0.86
C ILE B 165 -6.80 10.90 -2.13
N THR B 166 -5.61 10.30 -2.02
CA THR B 166 -4.56 10.32 -3.08
C THR B 166 -5.02 9.47 -4.28
N VAL B 167 -5.64 8.31 -4.04
CA VAL B 167 -6.19 7.42 -5.11
C VAL B 167 -7.33 8.15 -5.82
N ALA B 168 -8.27 8.73 -5.08
CA ALA B 168 -9.43 9.48 -5.61
C ALA B 168 -8.92 10.64 -6.48
N THR B 169 -7.91 11.35 -6.01
CA THR B 169 -7.31 12.55 -6.67
C THR B 169 -6.59 12.11 -7.95
N ASN B 170 -5.67 11.16 -7.85
CA ASN B 170 -4.85 10.68 -8.99
C ASN B 170 -5.77 10.11 -10.09
N SER B 171 -6.79 9.34 -9.70
CA SER B 171 -7.82 8.76 -10.60
C SER B 171 -8.59 9.88 -11.31
N ARG B 172 -8.96 10.93 -10.58
CA ARG B 172 -9.75 12.07 -11.13
C ARG B 172 -8.90 12.83 -12.15
N GLU B 173 -7.59 12.96 -11.91
CA GLU B 173 -6.66 13.65 -12.84
C GLU B 173 -6.58 12.85 -14.14
N GLN B 174 -6.56 11.51 -14.07
CA GLN B 174 -6.55 10.61 -15.25
C GLN B 174 -7.88 10.76 -16.00
N LYS B 175 -8.99 10.93 -15.27
CA LYS B 175 -10.33 11.17 -15.83
C LYS B 175 -10.32 12.49 -16.63
N LYS B 176 -9.66 13.54 -16.12
CA LYS B 176 -9.56 14.87 -16.79
C LYS B 176 -8.92 14.70 -18.18
N ILE B 177 -7.80 13.97 -18.24
CA ILE B 177 -7.03 13.69 -19.50
C ILE B 177 -7.95 12.95 -20.48
N LEU B 178 -8.62 11.89 -20.02
CA LEU B 178 -9.57 11.09 -20.84
C LEU B 178 -10.74 11.98 -21.29
N ALA B 179 -11.23 12.86 -20.41
CA ALA B 179 -12.35 13.80 -20.71
C ALA B 179 -11.93 14.72 -21.87
N LYS B 180 -10.77 15.37 -21.74
CA LYS B 180 -10.25 16.33 -22.75
C LYS B 180 -10.21 15.66 -24.13
N TYR B 181 -9.59 14.47 -24.22
CA TYR B 181 -9.26 13.80 -25.50
C TYR B 181 -10.49 13.10 -26.09
N LEU B 182 -11.35 12.54 -25.23
CA LEU B 182 -12.64 11.93 -25.65
C LEU B 182 -13.54 13.01 -26.28
N LEU B 183 -13.69 14.16 -25.62
CA LEU B 183 -14.48 15.33 -26.11
C LEU B 183 -13.89 15.81 -27.45
N GLU B 184 -12.57 16.02 -27.50
CA GLU B 184 -11.85 16.52 -28.70
C GLU B 184 -12.13 15.59 -29.89
N THR B 185 -11.98 14.28 -29.71
CA THR B 185 -11.93 13.29 -30.82
C THR B 185 -13.32 12.71 -31.15
N SER B 186 -14.32 12.84 -30.26
CA SER B 186 -15.68 12.28 -30.45
C SER B 186 -16.77 13.36 -30.42
N GLY B 187 -16.57 14.44 -29.65
CA GLY B 187 -17.54 15.55 -29.50
C GLY B 187 -18.46 15.35 -28.31
N ASN B 188 -18.28 14.28 -27.53
CA ASN B 188 -19.11 13.99 -26.32
C ASN B 188 -18.25 13.26 -25.28
N LEU B 189 -18.81 13.05 -24.08
CA LEU B 189 -18.14 12.35 -22.95
C LEU B 189 -18.91 11.07 -22.63
N ASP B 190 -19.61 10.51 -23.62
CA ASP B 190 -20.40 9.25 -23.49
C ASP B 190 -19.43 8.14 -23.07
N GLY B 191 -19.74 7.46 -21.96
CA GLY B 191 -19.00 6.28 -21.46
C GLY B 191 -17.67 6.64 -20.83
N LEU B 192 -17.41 7.93 -20.53
CA LEU B 192 -16.16 8.41 -19.90
C LEU B 192 -15.89 7.63 -18.61
N GLU B 193 -16.94 7.33 -17.83
CA GLU B 193 -16.85 6.67 -16.50
C GLU B 193 -16.48 5.18 -16.63
N TYR B 194 -16.32 4.65 -17.85
CA TYR B 194 -15.92 3.25 -18.12
C TYR B 194 -14.56 3.16 -18.83
N LYS B 195 -13.81 4.26 -18.92
CA LYS B 195 -12.59 4.38 -19.78
C LYS B 195 -11.33 3.97 -19.03
N LEU B 196 -11.37 3.86 -17.69
CA LEU B 196 -10.18 3.49 -16.85
C LEU B 196 -10.60 2.44 -15.81
N HIS B 197 -10.18 1.18 -16.01
CA HIS B 197 -10.52 0.03 -15.15
C HIS B 197 -9.46 -0.14 -14.05
N ASP B 198 -9.89 -0.51 -12.83
CA ASP B 198 -9.01 -0.89 -11.70
C ASP B 198 -8.63 -2.37 -11.84
N PHE B 199 -7.37 -2.66 -12.17
CA PHE B 199 -6.79 -4.01 -12.24
C PHE B 199 -5.81 -4.23 -11.08
N GLY B 200 -5.97 -3.49 -9.98
CA GLY B 200 -4.94 -3.32 -8.95
C GLY B 200 -4.96 -4.37 -7.83
N TYR B 201 -5.93 -5.29 -7.83
CA TYR B 201 -6.20 -6.21 -6.68
C TYR B 201 -4.90 -6.91 -6.26
N ARG B 202 -4.18 -7.53 -7.20
CA ARG B 202 -2.98 -8.35 -6.92
C ARG B 202 -1.79 -7.43 -6.61
N GLY B 203 -1.81 -6.20 -7.11
CA GLY B 203 -0.68 -5.25 -7.11
C GLY B 203 -0.66 -4.36 -5.86
N VAL B 204 -1.59 -4.54 -4.92
CA VAL B 204 -1.65 -3.74 -3.66
C VAL B 204 -1.15 -4.60 -2.49
N SER B 205 -0.91 -3.96 -1.35
CA SER B 205 -0.14 -4.50 -0.20
C SER B 205 -1.01 -5.41 0.69
N SER B 206 -2.35 -5.32 0.58
CA SER B 206 -3.28 -6.09 1.44
C SER B 206 -4.69 -6.12 0.84
N GLN B 207 -5.53 -7.02 1.36
CA GLN B 207 -6.97 -7.17 1.01
C GLN B 207 -7.71 -5.88 1.42
N GLU B 208 -7.42 -5.34 2.60
CA GLU B 208 -8.08 -4.10 3.10
C GLU B 208 -7.73 -2.92 2.16
N THR B 209 -6.47 -2.80 1.76
CA THR B 209 -5.95 -1.75 0.83
C THR B 209 -6.67 -1.85 -0.53
N ALA B 210 -6.93 -3.07 -1.00
CA ALA B 210 -7.62 -3.36 -2.28
C ALA B 210 -9.04 -2.80 -2.25
N GLY B 211 -9.78 -3.07 -1.17
CA GLY B 211 -11.14 -2.54 -0.94
C GLY B 211 -11.18 -1.02 -0.95
N ILE B 212 -10.35 -0.39 -0.11
CA ILE B 212 -10.31 1.10 0.06
C ILE B 212 -9.91 1.73 -1.28
N GLY B 213 -8.88 1.19 -1.94
CA GLY B 213 -8.37 1.69 -3.23
C GLY B 213 -9.43 1.63 -4.32
N ALA B 214 -10.13 0.50 -4.44
CA ALA B 214 -11.21 0.27 -5.43
C ALA B 214 -12.33 1.29 -5.24
N SER B 215 -12.74 1.55 -3.98
CA SER B 215 -13.83 2.50 -3.63
C SER B 215 -13.44 3.93 -3.99
N ALA B 216 -12.17 4.30 -3.76
CA ALA B 216 -11.60 5.63 -4.09
C ALA B 216 -11.59 5.82 -5.61
N HIS B 217 -11.26 4.76 -6.36
CA HIS B 217 -11.28 4.78 -7.85
C HIS B 217 -12.73 4.98 -8.33
N LEU B 218 -13.68 4.36 -7.63
CA LEU B 218 -15.12 4.30 -8.02
C LEU B 218 -15.82 5.64 -7.75
N VAL B 219 -15.17 6.58 -7.03
CA VAL B 219 -15.60 8.00 -6.94
C VAL B 219 -15.68 8.59 -8.36
N ASN B 220 -14.81 8.15 -9.27
CA ASN B 220 -14.58 8.74 -10.61
C ASN B 220 -15.05 7.80 -11.73
N PHE B 221 -14.86 6.48 -11.57
CA PHE B 221 -15.16 5.44 -12.60
C PHE B 221 -16.00 4.32 -11.98
N LYS B 222 -16.48 3.38 -12.81
CA LYS B 222 -17.32 2.23 -12.37
C LYS B 222 -16.57 0.90 -12.57
N GLY B 223 -15.45 0.91 -13.29
CA GLY B 223 -14.70 -0.33 -13.62
C GLY B 223 -13.73 -0.72 -12.52
N THR B 224 -13.97 -1.88 -11.89
CA THR B 224 -13.02 -2.54 -10.96
C THR B 224 -13.18 -4.06 -11.04
N ASP B 225 -12.11 -4.79 -10.75
CA ASP B 225 -12.10 -6.27 -10.61
C ASP B 225 -11.98 -6.64 -9.13
N THR B 226 -12.17 -5.67 -8.24
CA THR B 226 -12.18 -5.84 -6.76
C THR B 226 -13.61 -5.57 -6.25
N VAL B 227 -14.40 -6.62 -6.03
CA VAL B 227 -15.83 -6.51 -5.61
C VAL B 227 -15.89 -5.97 -4.17
N ALA B 228 -14.83 -6.12 -3.38
CA ALA B 228 -14.73 -5.59 -2.01
C ALA B 228 -14.91 -4.06 -2.01
N GLY B 229 -14.48 -3.40 -3.09
CA GLY B 229 -14.66 -1.95 -3.32
C GLY B 229 -16.12 -1.55 -3.28
N ILE B 230 -17.00 -2.31 -3.94
CA ILE B 230 -18.48 -2.07 -3.99
C ILE B 230 -19.08 -2.36 -2.60
N ALA B 231 -18.64 -3.44 -1.94
CA ALA B 231 -19.08 -3.85 -0.58
C ALA B 231 -18.75 -2.75 0.43
N LEU B 232 -17.56 -2.16 0.33
CA LEU B 232 -17.11 -1.02 1.19
C LEU B 232 -18.03 0.18 0.97
N ILE B 233 -18.35 0.48 -0.31
CA ILE B 233 -19.24 1.61 -0.71
C ILE B 233 -20.62 1.40 -0.06
N LYS B 234 -21.23 0.24 -0.27
CA LYS B 234 -22.62 -0.05 0.17
C LYS B 234 -22.72 0.04 1.70
N LYS B 235 -21.69 -0.40 2.41
CA LYS B 235 -21.70 -0.56 3.89
C LYS B 235 -21.42 0.77 4.59
N TYR B 236 -20.46 1.57 4.10
CA TYR B 236 -19.92 2.76 4.80
C TYR B 236 -20.49 4.07 4.23
N TYR B 237 -21.03 4.05 3.01
CA TYR B 237 -21.58 5.26 2.33
C TYR B 237 -23.04 5.00 1.92
N GLY B 238 -23.28 3.95 1.15
CA GLY B 238 -24.61 3.62 0.59
C GLY B 238 -24.82 4.32 -0.74
N THR B 239 -25.63 3.73 -1.61
CA THR B 239 -25.87 4.23 -3.00
C THR B 239 -27.26 3.81 -3.47
N LYS B 240 -27.93 4.69 -4.21
CA LYS B 240 -29.22 4.43 -4.91
C LYS B 240 -28.94 3.91 -6.33
N ASP B 241 -27.69 3.99 -6.78
CA ASP B 241 -27.21 3.47 -8.08
C ASP B 241 -27.35 1.94 -8.07
N PRO B 242 -28.10 1.33 -9.01
CA PRO B 242 -28.25 -0.12 -9.04
C PRO B 242 -26.97 -0.85 -9.48
N VAL B 243 -26.06 -0.14 -10.15
CA VAL B 243 -24.82 -0.71 -10.76
C VAL B 243 -23.64 0.21 -10.47
N PRO B 244 -23.27 0.41 -9.19
CA PRO B 244 -22.18 1.32 -8.83
C PRO B 244 -20.82 0.86 -9.35
N GLY B 245 -20.61 -0.46 -9.45
CA GLY B 245 -19.39 -1.08 -9.98
C GLY B 245 -19.72 -2.12 -11.05
N TYR B 246 -18.76 -2.41 -11.93
CA TYR B 246 -18.92 -3.42 -13.02
C TYR B 246 -17.55 -3.98 -13.43
N SER B 247 -17.58 -5.13 -14.09
CA SER B 247 -16.45 -5.68 -14.90
C SER B 247 -17.02 -6.46 -16.09
N VAL B 248 -16.14 -6.86 -17.02
CA VAL B 248 -16.52 -7.60 -18.26
C VAL B 248 -15.83 -8.96 -18.24
N PRO B 249 -16.45 -10.00 -18.85
CA PRO B 249 -15.75 -11.26 -19.11
C PRO B 249 -14.44 -10.97 -19.86
N ALA B 250 -13.35 -11.61 -19.44
CA ALA B 250 -12.00 -11.36 -19.97
C ALA B 250 -11.15 -12.63 -19.85
N ALA B 251 -10.24 -12.85 -20.80
CA ALA B 251 -9.20 -13.88 -20.74
C ALA B 251 -7.99 -13.33 -19.99
N GLU B 252 -7.18 -14.23 -19.42
CA GLU B 252 -5.78 -13.97 -19.00
C GLU B 252 -4.88 -14.84 -19.87
N HIS B 253 -3.56 -14.68 -19.76
CA HIS B 253 -2.57 -15.47 -20.53
C HIS B 253 -2.81 -16.97 -20.30
N SER B 254 -3.06 -17.38 -19.05
CA SER B 254 -3.26 -18.80 -18.64
C SER B 254 -4.37 -19.46 -19.49
N THR B 255 -5.49 -18.78 -19.75
CA THR B 255 -6.65 -19.38 -20.45
C THR B 255 -6.40 -19.42 -21.97
N ILE B 256 -5.38 -18.71 -22.46
CA ILE B 256 -4.90 -18.77 -23.87
C ILE B 256 -3.75 -19.80 -23.97
N THR B 257 -2.72 -19.66 -23.13
CA THR B 257 -1.46 -20.46 -23.19
C THR B 257 -1.73 -21.94 -22.88
N ALA B 258 -2.75 -22.23 -22.07
CA ALA B 258 -3.12 -23.61 -21.63
C ALA B 258 -3.44 -24.50 -22.83
N TRP B 259 -3.87 -23.89 -23.95
CA TRP B 259 -4.25 -24.59 -25.21
C TRP B 259 -3.00 -25.10 -25.95
N GLY B 260 -1.82 -24.54 -25.64
CA GLY B 260 -0.54 -24.85 -26.32
C GLY B 260 -0.19 -23.80 -27.34
N LYS B 261 1.11 -23.62 -27.62
CA LYS B 261 1.67 -22.56 -28.49
C LYS B 261 1.04 -22.60 -29.89
N ASP B 262 0.67 -23.78 -30.37
CA ASP B 262 0.16 -24.02 -31.76
C ASP B 262 -1.36 -23.89 -31.83
N HIS B 263 -2.05 -23.63 -30.72
CA HIS B 263 -3.53 -23.63 -30.64
C HIS B 263 -4.07 -22.28 -30.13
N GLU B 264 -3.34 -21.17 -30.38
CA GLU B 264 -3.80 -19.80 -29.99
C GLU B 264 -5.14 -19.50 -30.67
N LYS B 265 -5.27 -19.78 -31.98
CA LYS B 265 -6.50 -19.55 -32.76
C LYS B 265 -7.67 -20.30 -32.11
N ASP B 266 -7.47 -21.57 -31.72
CA ASP B 266 -8.50 -22.43 -31.09
C ASP B 266 -8.98 -21.78 -29.77
N ALA B 267 -8.07 -21.27 -28.96
CA ALA B 267 -8.37 -20.60 -27.67
C ALA B 267 -9.28 -19.39 -27.93
N PHE B 268 -8.89 -18.51 -28.86
CA PHE B 268 -9.64 -17.31 -29.29
C PHE B 268 -11.07 -17.71 -29.70
N GLU B 269 -11.18 -18.67 -30.62
CA GLU B 269 -12.46 -19.11 -31.22
C GLU B 269 -13.39 -19.64 -30.12
N HIS B 270 -12.85 -20.47 -29.22
CA HIS B 270 -13.58 -21.08 -28.07
C HIS B 270 -14.17 -19.98 -27.19
N ILE B 271 -13.36 -18.96 -26.84
CA ILE B 271 -13.70 -17.91 -25.84
C ILE B 271 -14.74 -16.95 -26.44
N VAL B 272 -14.57 -16.49 -27.69
CA VAL B 272 -15.52 -15.53 -28.33
C VAL B 272 -16.87 -16.22 -28.58
N THR B 273 -16.86 -17.54 -28.85
CA THR B 273 -18.09 -18.34 -29.07
C THR B 273 -18.78 -18.59 -27.71
N GLN B 274 -18.01 -18.85 -26.65
CA GLN B 274 -18.52 -19.08 -25.27
C GLN B 274 -19.10 -17.78 -24.70
N PHE B 275 -18.65 -16.62 -25.19
CA PHE B 275 -19.13 -15.27 -24.77
C PHE B 275 -19.57 -14.48 -26.02
N SER B 276 -20.44 -15.09 -26.83
CA SER B 276 -20.93 -14.55 -28.12
C SER B 276 -21.88 -13.36 -27.89
N SER B 277 -22.62 -13.35 -26.77
CA SER B 277 -23.75 -12.41 -26.52
C SER B 277 -23.40 -11.38 -25.43
N VAL B 278 -22.16 -11.35 -24.95
CA VAL B 278 -21.68 -10.36 -23.94
C VAL B 278 -20.36 -9.77 -24.42
N PRO B 279 -19.90 -8.62 -23.85
CA PRO B 279 -18.56 -8.13 -24.13
C PRO B 279 -17.53 -9.15 -23.64
N VAL B 280 -16.50 -9.43 -24.43
CA VAL B 280 -15.37 -10.32 -24.03
C VAL B 280 -14.05 -9.62 -24.37
N SER B 281 -13.16 -9.51 -23.39
CA SER B 281 -11.75 -9.05 -23.54
C SER B 281 -10.88 -10.30 -23.76
N VAL B 282 -10.05 -10.30 -24.80
CA VAL B 282 -9.15 -11.46 -25.12
C VAL B 282 -7.72 -10.94 -25.33
N VAL B 283 -6.85 -11.21 -24.35
CA VAL B 283 -5.39 -10.93 -24.41
C VAL B 283 -4.82 -11.62 -25.65
N SER B 284 -4.06 -10.88 -26.47
CA SER B 284 -3.67 -11.29 -27.84
C SER B 284 -2.16 -11.19 -28.06
N ASP B 285 -1.37 -10.97 -27.00
CA ASP B 285 0.11 -10.73 -27.10
C ASP B 285 0.89 -11.92 -26.54
N SER B 286 0.22 -13.06 -26.27
CA SER B 286 0.84 -14.30 -25.72
C SER B 286 2.14 -14.63 -26.46
N TYR B 287 2.12 -14.59 -27.79
CA TYR B 287 3.25 -14.97 -28.68
C TYR B 287 3.61 -13.83 -29.63
N ASP B 288 2.63 -13.29 -30.37
CA ASP B 288 2.85 -12.20 -31.35
C ASP B 288 1.53 -11.41 -31.53
N ILE B 289 1.41 -10.30 -30.80
CA ILE B 289 0.23 -9.37 -30.83
C ILE B 289 -0.17 -9.04 -32.27
N TYR B 290 0.82 -8.80 -33.14
CA TYR B 290 0.62 -8.27 -34.51
C TYR B 290 0.12 -9.41 -35.42
N ASN B 291 0.68 -10.61 -35.25
CA ASN B 291 0.17 -11.85 -35.91
C ASN B 291 -1.29 -12.07 -35.51
N ALA B 292 -1.59 -11.99 -34.21
CA ALA B 292 -2.92 -12.27 -33.61
C ALA B 292 -3.97 -11.33 -34.24
N CYS B 293 -3.68 -10.02 -34.29
CA CYS B 293 -4.61 -8.98 -34.81
C CYS B 293 -4.79 -9.15 -36.33
N GLU B 294 -3.69 -9.34 -37.08
CA GLU B 294 -3.69 -9.34 -38.55
C GLU B 294 -4.20 -10.69 -39.09
N LYS B 295 -3.63 -11.81 -38.62
CA LYS B 295 -3.85 -13.15 -39.23
C LYS B 295 -4.98 -13.90 -38.51
N ILE B 296 -5.06 -13.83 -37.18
CA ILE B 296 -6.05 -14.65 -36.41
C ILE B 296 -7.38 -13.88 -36.36
N TRP B 297 -7.42 -12.71 -35.72
CA TRP B 297 -8.63 -11.85 -35.63
C TRP B 297 -9.01 -11.35 -37.04
N GLY B 298 -8.04 -10.83 -37.79
CA GLY B 298 -8.26 -10.05 -39.03
C GLY B 298 -8.55 -10.93 -40.24
N GLU B 299 -8.26 -12.23 -40.17
CA GLU B 299 -8.45 -13.19 -41.30
C GLU B 299 -9.18 -14.44 -40.81
N ASP B 300 -8.53 -15.28 -40.00
CA ASP B 300 -9.01 -16.65 -39.65
C ASP B 300 -10.37 -16.60 -38.94
N LEU B 301 -10.54 -15.71 -37.95
CA LEU B 301 -11.77 -15.64 -37.10
C LEU B 301 -12.57 -14.38 -37.38
N ARG B 302 -12.25 -13.63 -38.45
CA ARG B 302 -12.92 -12.35 -38.81
C ARG B 302 -14.44 -12.56 -38.78
N HIS B 303 -14.93 -13.64 -39.38
CA HIS B 303 -16.39 -13.97 -39.52
C HIS B 303 -17.08 -14.07 -38.15
N LEU B 304 -16.33 -14.43 -37.09
CA LEU B 304 -16.87 -14.57 -35.71
C LEU B 304 -16.86 -13.23 -34.98
N ILE B 305 -16.22 -12.20 -35.54
CA ILE B 305 -16.12 -10.84 -34.93
C ILE B 305 -17.18 -9.92 -35.56
N VAL B 306 -17.27 -9.91 -36.89
CA VAL B 306 -18.10 -8.93 -37.66
C VAL B 306 -19.60 -9.23 -37.45
N SER B 307 -19.92 -10.42 -36.93
CA SER B 307 -21.30 -10.89 -36.65
C SER B 307 -21.74 -10.47 -35.24
N ARG B 308 -20.82 -9.95 -34.43
CA ARG B 308 -21.05 -9.65 -32.99
C ARG B 308 -21.86 -8.36 -32.85
N SER B 309 -22.68 -8.29 -31.78
CA SER B 309 -23.55 -7.15 -31.42
C SER B 309 -22.72 -5.98 -30.89
N THR B 310 -23.25 -4.76 -31.01
CA THR B 310 -22.70 -3.50 -30.46
C THR B 310 -22.63 -3.57 -28.93
N GLU B 311 -23.53 -4.35 -28.31
CA GLU B 311 -23.60 -4.53 -26.83
C GLU B 311 -22.60 -5.62 -26.39
N ALA B 312 -22.12 -6.44 -27.33
CA ALA B 312 -21.25 -7.60 -27.08
C ALA B 312 -20.02 -7.56 -28.01
N PRO B 313 -19.20 -6.49 -27.95
CA PRO B 313 -18.04 -6.37 -28.83
C PRO B 313 -16.88 -7.27 -28.37
N LEU B 314 -15.99 -7.63 -29.29
CA LEU B 314 -14.65 -8.18 -28.98
C LEU B 314 -13.79 -6.99 -28.52
N ILE B 315 -13.11 -7.12 -27.37
CA ILE B 315 -12.06 -6.15 -26.94
C ILE B 315 -10.71 -6.87 -26.99
N ILE B 316 -9.83 -6.44 -27.91
CA ILE B 316 -8.45 -6.95 -28.05
C ILE B 316 -7.59 -6.28 -26.97
N ARG B 317 -6.85 -7.09 -26.19
CA ARG B 317 -5.98 -6.59 -25.09
C ARG B 317 -4.52 -6.87 -25.44
N PRO B 318 -3.76 -5.88 -25.96
CA PRO B 318 -2.30 -5.98 -25.95
C PRO B 318 -1.83 -5.83 -24.49
N ASP B 319 -0.63 -6.32 -24.17
CA ASP B 319 -0.12 -6.29 -22.76
C ASP B 319 1.42 -6.26 -22.73
N SER B 320 2.06 -5.68 -23.75
CA SER B 320 3.55 -5.68 -23.86
C SER B 320 4.01 -4.71 -24.97
N GLY B 321 5.29 -4.36 -24.94
CA GLY B 321 5.93 -3.39 -25.84
C GLY B 321 5.71 -1.98 -25.35
N ASN B 322 6.21 -0.99 -26.10
CA ASN B 322 5.92 0.44 -25.87
C ASN B 322 4.40 0.63 -25.95
N PRO B 323 3.74 1.13 -24.88
CA PRO B 323 2.28 1.29 -24.88
C PRO B 323 1.69 2.03 -26.08
N LEU B 324 2.26 3.20 -26.44
CA LEU B 324 1.75 4.04 -27.56
C LEU B 324 2.00 3.34 -28.91
N ASP B 325 3.23 2.87 -29.14
CA ASP B 325 3.66 2.24 -30.42
C ASP B 325 2.78 1.03 -30.70
N THR B 326 2.52 0.21 -29.67
CA THR B 326 1.71 -1.04 -29.76
C THR B 326 0.27 -0.67 -30.14
N VAL B 327 -0.33 0.30 -29.44
CA VAL B 327 -1.74 0.76 -29.67
C VAL B 327 -1.86 1.21 -31.13
N LEU B 328 -0.95 2.06 -31.60
CA LEU B 328 -0.99 2.65 -32.97
C LEU B 328 -0.87 1.54 -34.03
N LYS B 329 0.03 0.58 -33.83
CA LYS B 329 0.28 -0.52 -34.80
C LYS B 329 -0.92 -1.48 -34.81
N VAL B 330 -1.52 -1.74 -33.64
CA VAL B 330 -2.75 -2.58 -33.50
C VAL B 330 -3.91 -1.93 -34.28
N LEU B 331 -4.16 -0.64 -34.04
CA LEU B 331 -5.26 0.12 -34.71
C LEU B 331 -5.02 0.17 -36.23
N ASP B 332 -3.76 0.33 -36.64
CA ASP B 332 -3.35 0.33 -38.07
C ASP B 332 -3.74 -1.03 -38.69
N ILE B 333 -3.43 -2.12 -38.00
CA ILE B 333 -3.70 -3.52 -38.48
C ILE B 333 -5.21 -3.73 -38.55
N LEU B 334 -5.94 -3.40 -37.49
CA LEU B 334 -7.43 -3.56 -37.41
C LEU B 334 -8.09 -2.68 -38.49
N GLY B 335 -7.55 -1.48 -38.72
CA GLY B 335 -8.03 -0.55 -39.77
C GLY B 335 -7.92 -1.18 -41.16
N LYS B 336 -6.89 -2.02 -41.37
CA LYS B 336 -6.59 -2.65 -42.68
C LYS B 336 -7.46 -3.90 -42.89
N LYS B 337 -8.05 -4.46 -41.83
CA LYS B 337 -8.80 -5.75 -41.87
C LYS B 337 -10.29 -5.56 -41.57
N PHE B 338 -10.67 -4.46 -40.91
CA PHE B 338 -12.08 -4.16 -40.54
C PHE B 338 -12.47 -2.79 -41.09
N PRO B 339 -13.78 -2.55 -41.32
CA PRO B 339 -14.24 -1.28 -41.88
C PRO B 339 -14.10 -0.15 -40.86
N VAL B 340 -13.33 0.88 -41.23
CA VAL B 340 -13.09 2.10 -40.41
C VAL B 340 -14.03 3.21 -40.92
N THR B 341 -14.77 3.86 -40.03
CA THR B 341 -15.54 5.09 -40.35
C THR B 341 -14.73 6.31 -39.87
N GLU B 342 -15.09 7.49 -40.34
CA GLU B 342 -14.57 8.79 -39.86
C GLU B 342 -15.73 9.55 -39.22
N ASN B 343 -15.61 9.88 -37.92
CA ASN B 343 -16.71 10.53 -37.17
C ASN B 343 -16.77 12.00 -37.57
N SER B 344 -17.73 12.75 -37.01
CA SER B 344 -18.05 14.15 -37.37
C SER B 344 -16.91 15.09 -36.97
N LYS B 345 -15.96 14.65 -36.13
CA LYS B 345 -14.77 15.44 -35.73
C LYS B 345 -13.59 15.09 -36.64
N GLY B 346 -13.76 14.15 -37.57
CA GLY B 346 -12.75 13.74 -38.57
C GLY B 346 -11.75 12.74 -38.01
N TYR B 347 -12.15 11.96 -36.99
CA TYR B 347 -11.29 10.95 -36.32
C TYR B 347 -11.79 9.54 -36.68
N LYS B 348 -10.85 8.63 -36.93
CA LYS B 348 -11.14 7.24 -37.39
C LYS B 348 -11.79 6.46 -36.25
N LEU B 349 -12.81 5.67 -36.57
CA LEU B 349 -13.59 4.85 -35.60
C LEU B 349 -13.69 3.41 -36.10
N LEU B 350 -13.18 2.47 -35.29
CA LEU B 350 -13.37 1.01 -35.48
C LEU B 350 -14.85 0.69 -35.51
N PRO B 351 -15.26 -0.47 -36.08
CA PRO B 351 -16.66 -0.88 -36.07
C PRO B 351 -17.14 -1.09 -34.64
N PRO B 352 -18.45 -0.94 -34.35
CA PRO B 352 -18.97 -1.02 -32.99
C PRO B 352 -18.76 -2.37 -32.28
N TYR B 353 -18.46 -3.44 -33.04
CA TYR B 353 -18.26 -4.81 -32.51
C TYR B 353 -16.79 -5.05 -32.14
N LEU B 354 -15.90 -4.06 -32.32
CA LEU B 354 -14.44 -4.20 -32.11
C LEU B 354 -13.89 -2.99 -31.35
N ARG B 355 -13.14 -3.24 -30.27
CA ARG B 355 -12.49 -2.21 -29.43
C ARG B 355 -11.16 -2.76 -28.90
N VAL B 356 -10.38 -1.90 -28.23
CA VAL B 356 -9.05 -2.22 -27.65
C VAL B 356 -9.05 -1.80 -26.18
N ILE B 357 -8.37 -2.56 -25.32
CA ILE B 357 -8.03 -2.16 -23.92
C ILE B 357 -6.51 -2.20 -23.76
N GLN B 358 -5.92 -1.05 -23.42
CA GLN B 358 -4.49 -0.94 -23.02
C GLN B 358 -4.42 -1.10 -21.50
N GLY B 359 -4.13 -2.33 -21.04
CA GLY B 359 -4.08 -2.70 -19.60
C GLY B 359 -2.66 -2.79 -19.08
N ASP B 360 -1.68 -2.35 -19.88
CA ASP B 360 -0.23 -2.42 -19.54
C ASP B 360 0.41 -1.03 -19.64
N GLY B 361 1.22 -0.66 -18.63
CA GLY B 361 2.09 0.53 -18.64
C GLY B 361 1.31 1.84 -18.62
N VAL B 362 0.11 1.84 -18.06
CA VAL B 362 -0.75 3.06 -17.94
C VAL B 362 -0.58 3.66 -16.55
N ASP B 363 -0.24 4.96 -16.50
CA ASP B 363 -0.28 5.80 -15.28
C ASP B 363 -0.61 7.23 -15.73
N ILE B 364 -0.69 8.18 -14.79
CA ILE B 364 -1.07 9.59 -15.07
C ILE B 364 -0.22 10.14 -16.22
N ASN B 365 1.08 9.79 -16.27
CA ASN B 365 2.06 10.36 -17.23
C ASN B 365 1.86 9.74 -18.62
N THR B 366 1.82 8.40 -18.71
CA THR B 366 1.80 7.66 -20.00
C THR B 366 0.42 7.80 -20.66
N LEU B 367 -0.65 7.80 -19.86
CA LEU B 367 -2.05 7.99 -20.35
C LEU B 367 -2.09 9.20 -21.28
N GLN B 368 -1.54 10.33 -20.83
CA GLN B 368 -1.40 11.60 -21.60
C GLN B 368 -0.68 11.32 -22.93
N GLU B 369 0.48 10.66 -22.89
CA GLU B 369 1.32 10.37 -24.09
C GLU B 369 0.50 9.54 -25.10
N ILE B 370 -0.29 8.59 -24.61
CA ILE B 370 -1.02 7.57 -25.45
C ILE B 370 -2.16 8.28 -26.19
N VAL B 371 -3.02 9.00 -25.47
CA VAL B 371 -4.20 9.70 -26.08
C VAL B 371 -3.70 10.78 -27.04
N GLU B 372 -2.59 11.45 -26.71
CA GLU B 372 -1.96 12.49 -27.59
C GLU B 372 -1.49 11.84 -28.89
N GLY B 373 -0.76 10.72 -28.79
CA GLY B 373 -0.26 9.96 -29.96
C GLY B 373 -1.40 9.43 -30.81
N MET B 374 -2.49 8.99 -30.18
CA MET B 374 -3.74 8.51 -30.83
C MET B 374 -4.37 9.68 -31.61
N LYS B 375 -4.44 10.87 -30.99
CA LYS B 375 -5.01 12.11 -31.59
C LYS B 375 -4.18 12.51 -32.82
N GLN B 376 -2.85 12.45 -32.72
CA GLN B 376 -1.90 12.86 -33.79
C GLN B 376 -2.04 11.92 -35.00
N LYS B 377 -2.41 10.66 -34.78
CA LYS B 377 -2.64 9.66 -35.87
C LYS B 377 -4.14 9.61 -36.22
N LYS B 378 -4.93 10.54 -35.68
CA LYS B 378 -6.36 10.77 -36.03
C LYS B 378 -7.19 9.51 -35.68
N TRP B 379 -6.91 8.89 -34.53
CA TRP B 379 -7.71 7.78 -33.95
C TRP B 379 -8.54 8.33 -32.78
N SER B 380 -9.87 8.17 -32.83
CA SER B 380 -10.79 8.59 -31.75
C SER B 380 -10.45 7.82 -30.47
N ILE B 381 -10.53 8.50 -29.32
CA ILE B 381 -10.29 7.91 -27.97
C ILE B 381 -11.38 6.87 -27.68
N GLU B 382 -12.50 6.92 -28.40
CA GLU B 382 -13.60 5.91 -28.34
C GLU B 382 -13.08 4.50 -28.63
N ASN B 383 -12.00 4.40 -29.41
CA ASN B 383 -11.42 3.13 -29.91
C ASN B 383 -10.73 2.35 -28.78
N VAL B 384 -10.17 3.06 -27.81
CA VAL B 384 -9.24 2.49 -26.78
C VAL B 384 -9.71 2.95 -25.39
N SER B 385 -9.97 1.99 -24.51
CA SER B 385 -10.10 2.20 -23.05
C SER B 385 -8.81 1.73 -22.36
N PHE B 386 -8.68 2.05 -21.08
CA PHE B 386 -7.41 1.93 -20.33
C PHE B 386 -7.65 1.16 -19.04
N GLY B 387 -6.58 0.53 -18.54
CA GLY B 387 -6.55 -0.14 -17.23
C GLY B 387 -5.23 0.11 -16.54
N SER B 388 -5.24 0.18 -15.21
CA SER B 388 -4.04 0.43 -14.37
C SER B 388 -4.17 -0.37 -13.07
N GLY B 389 -3.05 -0.86 -12.55
CA GLY B 389 -2.99 -1.75 -11.36
C GLY B 389 -2.23 -1.09 -10.22
N GLY B 390 -0.95 -1.43 -10.08
CA GLY B 390 -0.04 -0.87 -9.05
C GLY B 390 0.05 0.64 -9.12
N ALA B 391 0.22 1.20 -10.32
CA ALA B 391 0.32 2.66 -10.57
C ALA B 391 -0.95 3.36 -10.08
N LEU B 392 -2.11 2.69 -10.17
CA LEU B 392 -3.43 3.23 -9.75
C LEU B 392 -3.56 3.22 -8.22
N LEU B 393 -3.22 2.10 -7.57
CA LEU B 393 -3.61 1.81 -6.15
C LEU B 393 -2.40 1.61 -5.23
N GLN B 394 -1.16 1.47 -5.73
CA GLN B 394 0.00 1.07 -4.90
C GLN B 394 1.13 2.10 -4.98
N LYS B 395 1.52 2.52 -6.18
CA LYS B 395 2.67 3.46 -6.39
C LYS B 395 2.21 4.88 -6.05
N LEU B 396 1.55 5.06 -4.90
CA LEU B 396 1.14 6.38 -4.35
C LEU B 396 1.69 6.45 -2.92
N THR B 397 2.09 7.64 -2.49
CA THR B 397 2.66 7.91 -1.14
C THR B 397 2.02 9.16 -0.54
N ARG B 398 2.14 9.31 0.78
CA ARG B 398 1.58 10.43 1.56
C ARG B 398 2.20 11.76 1.09
N ASP B 399 3.42 11.72 0.53
CA ASP B 399 4.18 12.93 0.12
C ASP B 399 3.71 13.42 -1.26
N LEU B 400 2.95 12.61 -2.00
CA LEU B 400 2.40 12.99 -3.34
C LEU B 400 1.58 14.29 -3.21
N LEU B 401 0.69 14.38 -2.21
CA LEU B 401 -0.14 15.57 -1.94
C LEU B 401 0.30 16.24 -0.62
N ASN B 402 1.35 15.72 0.01
CA ASN B 402 1.90 16.20 1.30
C ASN B 402 0.78 16.22 2.35
N CYS B 403 0.09 15.09 2.52
CA CYS B 403 -0.97 14.90 3.54
C CYS B 403 -0.32 14.78 4.92
N SER B 404 -0.65 15.70 5.84
CA SER B 404 -0.08 15.72 7.21
C SER B 404 -1.09 16.28 8.23
N PHE B 405 -0.92 15.86 9.47
CA PHE B 405 -1.74 16.24 10.67
C PHE B 405 -0.85 17.07 11.58
N LYS B 406 -1.29 18.26 11.97
CA LYS B 406 -0.48 19.22 12.77
C LYS B 406 -1.34 19.85 13.87
N CYS B 407 -0.77 20.01 15.07
CA CYS B 407 -1.37 20.79 16.18
C CYS B 407 -1.21 22.28 15.86
N SER B 408 -2.32 23.02 15.79
CA SER B 408 -2.37 24.47 15.46
C SER B 408 -2.78 25.31 16.68
N TYR B 409 -3.45 24.72 17.68
CA TYR B 409 -4.05 25.46 18.83
C TYR B 409 -4.08 24.56 20.07
N VAL B 410 -3.71 25.14 21.22
CA VAL B 410 -3.79 24.49 22.57
C VAL B 410 -4.37 25.51 23.56
N VAL B 411 -5.06 25.03 24.59
CA VAL B 411 -5.42 25.84 25.80
C VAL B 411 -4.59 25.29 26.96
N THR B 412 -3.77 26.15 27.55
CA THR B 412 -2.93 25.84 28.75
C THR B 412 -3.15 26.94 29.80
N ASN B 413 -3.47 26.55 31.04
CA ASN B 413 -3.86 27.47 32.14
C ASN B 413 -5.04 28.33 31.68
N GLY B 414 -5.98 27.74 30.94
CA GLY B 414 -7.23 28.39 30.48
C GLY B 414 -7.00 29.42 29.40
N LEU B 415 -5.77 29.56 28.89
CA LEU B 415 -5.38 30.57 27.86
C LEU B 415 -5.10 29.86 26.53
N GLY B 416 -5.76 30.29 25.46
CA GLY B 416 -5.51 29.81 24.09
C GLY B 416 -4.13 30.21 23.61
N VAL B 417 -3.39 29.29 22.97
CA VAL B 417 -2.05 29.55 22.39
C VAL B 417 -2.04 29.01 20.95
N ASN B 418 -1.75 29.86 19.98
CA ASN B 418 -1.59 29.48 18.54
C ASN B 418 -0.22 28.84 18.37
N VAL B 419 -0.17 27.58 17.95
CA VAL B 419 1.10 26.78 17.84
C VAL B 419 1.30 26.34 16.39
N PHE B 420 2.55 26.03 16.06
CA PHE B 420 3.02 25.73 14.69
C PHE B 420 4.49 25.29 14.74
N LYS B 421 4.92 24.55 13.71
CA LYS B 421 6.36 24.29 13.43
C LYS B 421 6.79 25.21 12.29
N ASP B 422 8.09 25.49 12.21
CA ASP B 422 8.67 26.42 11.20
C ASP B 422 10.16 26.11 11.06
N PRO B 423 10.52 24.91 10.53
CA PRO B 423 11.92 24.50 10.45
C PRO B 423 12.71 25.45 9.55
N VAL B 424 13.85 25.95 10.05
CA VAL B 424 14.66 27.03 9.41
C VAL B 424 15.10 26.60 8.01
N ALA B 425 15.28 25.31 7.76
CA ALA B 425 15.87 24.77 6.51
C ALA B 425 14.79 24.50 5.47
N ASP B 426 13.51 24.44 5.86
CA ASP B 426 12.40 24.06 4.94
C ASP B 426 11.13 24.83 5.27
N PRO B 427 10.93 26.03 4.66
CA PRO B 427 9.68 26.77 4.79
C PRO B 427 8.40 26.00 4.41
N ASN B 428 8.49 25.04 3.48
CA ASN B 428 7.35 24.20 3.01
C ASN B 428 6.77 23.38 4.17
N LYS B 429 7.56 23.15 5.23
CA LYS B 429 7.14 22.33 6.42
C LYS B 429 6.54 23.24 7.50
N ARG B 430 6.41 24.55 7.24
CA ARG B 430 5.67 25.48 8.13
C ARG B 430 4.21 25.03 8.20
N SER B 431 3.65 24.94 9.41
CA SER B 431 2.24 24.56 9.67
C SER B 431 1.44 25.81 10.04
N LYS B 432 0.12 25.74 9.96
CA LYS B 432 -0.81 26.88 10.18
C LYS B 432 -0.95 27.14 11.69
N LYS B 433 -1.35 28.35 12.06
CA LYS B 433 -1.43 28.86 13.45
C LYS B 433 -2.90 28.95 13.90
N GLY B 434 -3.21 28.39 15.06
CA GLY B 434 -4.45 28.66 15.81
C GLY B 434 -5.68 28.00 15.19
N ARG B 435 -6.86 28.41 15.66
CA ARG B 435 -8.18 27.87 15.24
C ARG B 435 -8.39 28.20 13.76
N LEU B 436 -8.77 27.19 12.96
CA LEU B 436 -8.85 27.27 11.48
C LEU B 436 -10.31 27.13 11.03
N SER B 437 -10.62 27.74 9.89
CA SER B 437 -11.90 27.62 9.16
C SER B 437 -11.63 27.74 7.66
N LEU B 438 -12.49 27.13 6.84
CA LEU B 438 -12.40 27.13 5.35
C LEU B 438 -13.58 27.93 4.78
N HIS B 439 -13.30 28.79 3.81
CA HIS B 439 -14.29 29.75 3.24
C HIS B 439 -14.15 29.84 1.72
N ARG B 440 -15.27 30.03 1.04
CA ARG B 440 -15.33 30.52 -0.35
C ARG B 440 -14.92 32.00 -0.34
N THR B 441 -14.11 32.42 -1.31
CA THR B 441 -13.76 33.84 -1.56
C THR B 441 -14.80 34.44 -2.50
N PRO B 442 -14.96 35.78 -2.57
CA PRO B 442 -15.89 36.40 -3.51
C PRO B 442 -15.75 35.91 -4.96
N ALA B 443 -14.53 35.66 -5.43
CA ALA B 443 -14.24 35.24 -6.84
C ALA B 443 -14.48 33.74 -7.03
N GLY B 444 -14.87 33.01 -5.97
CA GLY B 444 -15.28 31.59 -6.05
C GLY B 444 -14.14 30.64 -5.74
N ASN B 445 -13.05 31.12 -5.15
CA ASN B 445 -11.87 30.32 -4.76
C ASN B 445 -12.02 29.93 -3.28
N PHE B 446 -10.95 29.40 -2.66
CA PHE B 446 -10.96 28.93 -1.26
C PHE B 446 -9.88 29.67 -0.47
N VAL B 447 -10.15 29.93 0.81
CA VAL B 447 -9.16 30.46 1.79
C VAL B 447 -9.34 29.74 3.12
N THR B 448 -8.23 29.31 3.73
CA THR B 448 -8.17 28.84 5.14
C THR B 448 -7.81 30.05 6.01
N LEU B 449 -8.70 30.45 6.91
CA LEU B 449 -8.46 31.55 7.88
C LEU B 449 -7.82 30.96 9.14
N GLU B 450 -6.71 31.58 9.59
CA GLU B 450 -5.91 31.15 10.76
C GLU B 450 -6.23 32.06 11.95
N GLU B 451 -5.75 31.66 13.13
CA GLU B 451 -5.75 32.49 14.38
C GLU B 451 -7.20 32.86 14.75
N GLY B 452 -8.18 32.06 14.34
CA GLY B 452 -9.61 32.23 14.65
C GLY B 452 -10.25 33.40 13.90
N LYS B 453 -9.60 33.93 12.85
CA LYS B 453 -10.05 35.12 12.09
C LYS B 453 -11.37 34.83 11.35
N GLY B 454 -11.77 33.55 11.27
CA GLY B 454 -13.11 33.14 10.83
C GLY B 454 -14.21 33.82 11.63
N ASP B 455 -13.95 34.11 12.91
CA ASP B 455 -14.91 34.73 13.86
C ASP B 455 -15.27 36.15 13.42
N LEU B 456 -14.44 36.80 12.59
CA LEU B 456 -14.70 38.15 12.02
C LEU B 456 -15.86 38.10 11.02
N GLU B 457 -16.18 36.91 10.48
CA GLU B 457 -17.34 36.65 9.59
C GLU B 457 -17.28 37.57 8.35
N GLU B 458 -16.08 37.72 7.78
CA GLU B 458 -15.83 38.53 6.55
C GLU B 458 -16.07 37.65 5.31
N TYR B 459 -16.14 36.32 5.47
CA TYR B 459 -16.05 35.32 4.37
C TYR B 459 -17.15 34.25 4.46
N GLY B 460 -18.33 34.55 5.02
CA GLY B 460 -19.45 33.58 5.07
C GLY B 460 -19.12 32.36 5.93
N HIS B 461 -19.97 31.33 5.89
CA HIS B 461 -19.93 30.17 6.82
C HIS B 461 -18.72 29.29 6.54
N ASP B 462 -18.08 28.78 7.60
CA ASP B 462 -17.04 27.71 7.57
C ASP B 462 -17.60 26.55 6.75
N LEU B 463 -16.83 26.02 5.80
CA LEU B 463 -17.25 24.91 4.91
C LEU B 463 -17.11 23.55 5.63
N LEU B 464 -16.31 23.50 6.70
CA LEU B 464 -16.14 22.26 7.52
C LEU B 464 -17.42 22.05 8.34
N HIS B 465 -17.86 20.79 8.46
CA HIS B 465 -19.04 20.37 9.27
C HIS B 465 -18.61 19.29 10.28
N THR B 466 -19.23 19.28 11.46
CA THR B 466 -19.06 18.24 12.50
C THR B 466 -19.54 16.90 11.93
N VAL B 467 -18.62 15.97 11.70
CA VAL B 467 -18.90 14.60 11.17
C VAL B 467 -18.84 13.58 12.32
N PHE B 468 -18.13 13.93 13.41
CA PHE B 468 -17.90 13.03 14.58
C PHE B 468 -17.91 13.86 15.86
N LYS B 469 -18.56 13.35 16.91
CA LYS B 469 -18.58 13.96 18.27
C LYS B 469 -18.97 12.90 19.30
N ASN B 470 -18.10 12.70 20.30
CA ASN B 470 -18.34 11.85 21.50
C ASN B 470 -18.80 10.45 21.06
N GLY B 471 -18.09 9.86 20.11
CA GLY B 471 -18.22 8.43 19.72
C GLY B 471 -19.32 8.20 18.71
N LYS B 472 -19.95 9.27 18.20
CA LYS B 472 -21.10 9.21 17.26
C LYS B 472 -20.77 9.94 15.95
N VAL B 473 -21.09 9.32 14.82
CA VAL B 473 -21.07 9.98 13.48
C VAL B 473 -22.31 10.88 13.39
N THR B 474 -22.11 12.19 13.31
CA THR B 474 -23.15 13.25 13.40
C THR B 474 -23.56 13.70 12.00
N LYS B 475 -22.67 13.58 11.01
CA LYS B 475 -22.94 13.94 9.59
C LYS B 475 -22.33 12.86 8.69
N SER B 476 -23.14 12.32 7.78
CA SER B 476 -22.79 11.20 6.86
C SER B 476 -23.16 11.57 5.43
N TYR B 477 -22.50 10.96 4.45
CA TYR B 477 -22.71 11.18 3.00
C TYR B 477 -22.91 9.84 2.30
N SER B 478 -23.87 9.78 1.38
CA SER B 478 -24.06 8.66 0.43
C SER B 478 -22.93 8.71 -0.61
N PHE B 479 -22.62 7.59 -1.25
CA PHE B 479 -21.59 7.52 -2.32
C PHE B 479 -22.08 8.34 -3.53
N ASP B 480 -23.40 8.52 -3.67
CA ASP B 480 -24.03 9.38 -4.70
C ASP B 480 -23.60 10.83 -4.46
N GLU B 481 -23.65 11.29 -3.20
CA GLU B 481 -23.21 12.65 -2.80
C GLU B 481 -21.70 12.80 -3.06
N VAL B 482 -20.91 11.77 -2.74
CA VAL B 482 -19.42 11.76 -2.93
C VAL B 482 -19.13 11.95 -4.42
N ARG B 483 -19.75 11.15 -5.28
CA ARG B 483 -19.54 11.18 -6.76
C ARG B 483 -19.91 12.56 -7.31
N LYS B 484 -21.08 13.09 -6.91
CA LYS B 484 -21.58 14.42 -7.36
C LYS B 484 -20.56 15.50 -6.98
N ASN B 485 -20.08 15.49 -5.73
CA ASN B 485 -19.11 16.48 -5.19
C ASN B 485 -17.77 16.39 -5.96
N ALA B 486 -17.39 15.18 -6.40
CA ALA B 486 -16.07 14.89 -7.01
C ALA B 486 -16.11 15.03 -8.54
N GLN B 487 -17.24 15.48 -9.11
CA GLN B 487 -17.46 15.63 -10.58
C GLN B 487 -16.40 16.54 -11.19
N LEU B 488 -16.15 16.39 -12.49
CA LEU B 488 -15.34 17.35 -13.29
C LEU B 488 -16.21 18.58 -13.59
N ASN B 489 -15.58 19.70 -13.95
CA ASN B 489 -16.24 20.98 -14.33
C ASN B 489 -17.28 20.72 -15.43
N1 9IY C . 10.21 8.41 17.09
C2 9IY C . 14.36 7.33 17.68
C4 9IY C . 15.86 5.46 17.76
C5 9IY C . 17.73 4.19 19.42
C6 9IY C . 17.09 3.03 19.79
C7 9IY C . 17.27 2.53 21.06
C9 9IY C . 18.72 4.35 21.59
C10 9IY C . 18.56 4.87 20.32
C12 9IY C . 13.49 5.08 17.60
C13 9IY C . 9.60 9.69 16.78
O7 9IY C . 3.35 13.51 9.73
P 9IY C . 4.63 14.12 9.25
O5 9IY C . 5.07 13.63 7.88
O6 9IY C . 4.64 15.65 9.18
O4 9IY C . 5.81 13.64 10.25
C20 9IY C . 5.94 12.23 10.54
C19 9IY C . 7.28 11.78 10.05
O3 9IY C . 8.30 12.23 10.96
C21 9IY C . 7.47 10.26 9.97
O8 9IY C . 7.02 9.76 8.71
C22 9IY C . 8.98 10.12 10.12
O9 9IY C . 9.65 10.40 8.89
C18 9IY C . 9.30 11.21 11.16
C17 9IY C . 9.32 10.76 12.60
C16 9IY C . 10.42 10.05 13.09
C15 9IY C . 10.50 9.70 14.42
C23 9IY C . 8.29 11.05 13.48
C24 9IY C . 8.37 10.69 14.82
C14 9IY C . 9.48 10.01 15.31
C 9IY C . 11.55 8.27 17.30
O 9IY C . 12.32 9.22 17.30
N 9IY C . 11.96 6.96 17.42
C1 9IY C . 13.28 6.47 17.57
C11 9IY C . 14.78 4.59 17.68
C3 9IY C . 15.65 6.83 17.78
S 9IY C . 17.51 4.83 17.79
O1 9IY C . 17.58 3.73 16.87
O2 9IY C . 18.40 5.94 17.63
C8 9IY C . 18.08 3.19 21.96
S SO4 D . 1.23 -3.90 -11.62
O1 SO4 D . 2.67 -4.06 -11.61
O2 SO4 D . 0.67 -4.52 -10.45
O3 SO4 D . 0.90 -2.51 -11.64
O4 SO4 D . 0.69 -4.53 -12.80
N1 9IY E . -9.53 -7.75 -17.75
C2 9IY E . -12.57 -4.33 -18.61
C4 9IY E . -12.86 -3.13 -20.65
C5 9IY E . -15.21 -2.12 -21.81
C6 9IY E . -15.60 -2.63 -23.04
C7 9IY E . -16.93 -2.96 -23.24
C9 9IY E . -17.44 -2.29 -21.01
C10 9IY E . -16.13 -1.96 -20.78
C12 9IY E . -11.49 -5.09 -20.61
C13 9IY E . -8.44 -8.72 -17.91
O7 9IY E . 1.61 -8.77 -13.95
P 9IY E . 0.90 -10.02 -14.35
O5 9IY E . 1.78 -10.89 -15.23
O6 9IY E . 0.37 -10.81 -13.16
O4 9IY E . -0.42 -9.64 -15.22
C20 9IY E . -1.51 -8.94 -14.59
C19 9IY E . -1.64 -7.59 -15.24
O3 9IY E . -2.16 -7.76 -16.59
C21 9IY E . -2.59 -6.60 -14.59
O8 9IY E . -1.96 -5.87 -13.53
C22 9IY E . -2.93 -5.68 -15.75
O9 9IY E . -1.86 -4.77 -16.00
C18 9IY E . -3.06 -6.69 -16.91
C17 9IY E . -4.46 -7.21 -17.13
C16 9IY E . -4.82 -8.51 -16.77
C15 9IY E . -6.10 -8.99 -17.01
C23 9IY E . -5.43 -6.41 -17.71
C24 9IY E . -6.70 -6.88 -17.95
C14 9IY E . -7.06 -8.18 -17.61
C 9IY E . -10.01 -7.02 -18.79
O 9IY E . -9.51 -7.09 -19.91
N 9IY E . -11.06 -6.19 -18.44
C1 9IY E . -11.73 -5.24 -19.24
C11 9IY E . -12.05 -4.04 -21.31
C3 9IY E . -13.14 -3.28 -19.30
S 9IY E . -13.51 -1.74 -21.53
O1 9IY E . -13.45 -0.60 -20.65
O2 9IY E . -12.85 -1.67 -22.81
C8 9IY E . -17.85 -2.79 -22.22
S SO4 F . 5.91 9.46 4.47
O1 SO4 F . 7.21 9.61 5.07
O2 SO4 F . 5.10 8.58 5.27
O3 SO4 F . 5.27 10.74 4.38
O4 SO4 F . 6.05 8.91 3.15
#